data_3VPS
#
_entry.id   3VPS
#
_cell.length_a   45.453
_cell.length_b   51.061
_cell.length_c   67.804
_cell.angle_alpha   98.13
_cell.angle_beta   106.65
_cell.angle_gamma   94.36
#
_symmetry.space_group_name_H-M   'P 1'
#
loop_
_entity.id
_entity.type
_entity.pdbx_description
1 polymer 'NAD-dependent epimerase/dehydratase'
2 non-polymer URIDINE-DIPHOSPHATE-N-ACETYLGLUCOSAMINE
3 non-polymer NICOTINAMIDE-ADENINE-DINUCLEOTIDE
4 water water
#
_entity_poly.entity_id   1
_entity_poly.type   'polypeptide(L)'
_entity_poly.pdbx_seq_one_letter_code
;MQRNTLKHRILITGGAGFIGGHLARALVASGEEVTVLDDLRVPPMIPPEGTGKFLEKPVLELEERDLSDVRLVYHLASHK
SVPRSFKQPLDYLDNVDSGRHLLALCTSVGVPKVVVGSTCEVYGQADTLPTPEDSPLSPRSPYAASKVGLEMVAGAHQRA
SVAPEVGIVRFFNVYGPGERPDALVPRLCANLLTRNELPVEGDGEQRRDFTYITDVVDKLVALANRPLPSVVNFGSGQSL
SVNDVIRILQATSPAAEVARKQPRPNEITEFRADTALQTRQIGERSGGIGIEEGIRLTLEWWQSRDLDDIRQRIFQEEGA
D
;
_entity_poly.pdbx_strand_id   A,B
#
loop_
_chem_comp.id
_chem_comp.type
_chem_comp.name
_chem_comp.formula
NAD non-polymer NICOTINAMIDE-ADENINE-DINUCLEOTIDE 'C21 H27 N7 O14 P2'
UD1 non-polymer URIDINE-DIPHOSPHATE-N-ACETYLGLUCOSAMINE 'C17 H27 N3 O17 P2'
#
# COMPACT_ATOMS: atom_id res chain seq x y z
N LYS A 7 -18.85 4.56 -15.37
CA LYS A 7 -17.35 4.51 -15.52
C LYS A 7 -16.63 4.60 -14.19
N HIS A 8 -16.07 3.46 -13.77
CA HIS A 8 -15.51 3.33 -12.44
C HIS A 8 -14.27 2.42 -12.36
N ARG A 9 -14.07 1.56 -13.35
CA ARG A 9 -12.93 0.62 -13.36
C ARG A 9 -11.59 1.30 -13.76
N ILE A 10 -10.46 0.74 -13.28
CA ILE A 10 -9.16 1.19 -13.71
C ILE A 10 -8.53 0.03 -14.52
N LEU A 11 -8.02 0.33 -15.70
CA LEU A 11 -7.34 -0.67 -16.54
C LEU A 11 -5.84 -0.31 -16.60
N ILE A 12 -5.02 -1.33 -16.44
CA ILE A 12 -3.59 -1.08 -16.40
C ILE A 12 -2.95 -1.97 -17.46
N THR A 13 -2.44 -1.36 -18.51
CA THR A 13 -1.67 -2.19 -19.49
C THR A 13 -0.31 -2.43 -18.88
N GLY A 14 0.29 -3.57 -19.19
CA GLY A 14 1.61 -3.92 -18.55
C GLY A 14 1.39 -4.30 -17.07
N GLY A 15 0.14 -4.63 -16.67
CA GLY A 15 -0.25 -4.78 -15.25
C GLY A 15 0.24 -6.07 -14.59
N ALA A 16 0.91 -6.95 -15.31
CA ALA A 16 1.58 -8.07 -14.65
C ALA A 16 3.05 -7.77 -14.39
N GLY A 17 3.55 -6.67 -14.92
CA GLY A 17 4.99 -6.30 -14.86
C GLY A 17 5.30 -5.57 -13.54
N PHE A 18 6.48 -4.98 -13.48
CA PHE A 18 7.02 -4.52 -12.22
C PHE A 18 6.22 -3.30 -11.71
N ILE A 19 6.20 -2.20 -12.47
CA ILE A 19 5.46 -0.99 -11.97
C ILE A 19 3.96 -1.24 -12.03
N GLY A 20 3.50 -1.78 -13.17
CA GLY A 20 2.07 -1.99 -13.34
C GLY A 20 1.51 -3.01 -12.33
N GLY A 21 2.31 -4.01 -11.97
CA GLY A 21 1.79 -5.05 -11.00
C GLY A 21 1.69 -4.44 -9.60
N HIS A 22 2.71 -3.69 -9.19
CA HIS A 22 2.61 -3.05 -7.89
C HIS A 22 1.42 -2.09 -7.85
N LEU A 23 1.23 -1.33 -8.94
CA LEU A 23 0.16 -0.33 -9.00
C LEU A 23 -1.19 -1.07 -8.90
N ALA A 24 -1.31 -2.14 -9.64
CA ALA A 24 -2.55 -2.95 -9.66
C ALA A 24 -2.89 -3.44 -8.25
N ARG A 25 -1.89 -3.99 -7.59
CA ARG A 25 -2.06 -4.48 -6.20
C ARG A 25 -2.43 -3.37 -5.25
N ALA A 26 -1.78 -2.21 -5.35
CA ALA A 26 -2.18 -1.09 -4.43
C ALA A 26 -3.61 -0.64 -4.69
N LEU A 27 -4.03 -0.61 -5.94
CA LEU A 27 -5.42 -0.17 -6.24
C LEU A 27 -6.44 -1.18 -5.79
N VAL A 28 -6.12 -2.47 -5.97
CA VAL A 28 -7.05 -3.51 -5.51
C VAL A 28 -7.11 -3.45 -3.99
N ALA A 29 -5.95 -3.29 -3.34
CA ALA A 29 -5.93 -3.10 -1.90
C ALA A 29 -6.81 -1.89 -1.43
N SER A 30 -6.96 -0.87 -2.26
CA SER A 30 -7.71 0.38 -1.94
C SER A 30 -9.19 0.21 -2.20
N GLY A 31 -9.61 -0.94 -2.73
CA GLY A 31 -11.03 -1.09 -3.01
C GLY A 31 -11.44 -0.81 -4.45
N GLU A 32 -10.47 -0.61 -5.36
CA GLU A 32 -10.82 -0.27 -6.73
C GLU A 32 -11.09 -1.54 -7.52
N GLU A 33 -11.88 -1.41 -8.57
CA GLU A 33 -12.13 -2.43 -9.54
C GLU A 33 -11.06 -2.25 -10.60
N VAL A 34 -10.24 -3.30 -10.78
CA VAL A 34 -9.06 -3.20 -11.60
C VAL A 34 -9.07 -4.30 -12.67
N THR A 35 -8.73 -3.89 -13.88
CA THR A 35 -8.41 -4.84 -14.95
C THR A 35 -6.94 -4.69 -15.27
N VAL A 36 -6.19 -5.80 -15.32
CA VAL A 36 -4.86 -5.77 -15.89
C VAL A 36 -4.80 -6.35 -17.29
N LEU A 37 -4.12 -5.65 -18.18
CA LEU A 37 -3.94 -6.19 -19.54
C LEU A 37 -2.43 -6.43 -19.72
N ASP A 38 -2.05 -7.66 -20.11
CA ASP A 38 -0.64 -7.98 -20.22
C ASP A 38 -0.52 -9.26 -21.03
N ASP A 39 0.27 -9.23 -22.07
CA ASP A 39 0.42 -10.50 -22.85
C ASP A 39 1.56 -11.43 -22.40
N LEU A 40 2.19 -11.07 -21.28
CA LEU A 40 3.25 -11.84 -20.64
C LEU A 40 4.40 -12.10 -21.62
N ARG A 41 4.65 -11.14 -22.50
CA ARG A 41 5.73 -11.34 -23.47
C ARG A 41 7.10 -11.36 -22.74
N VAL A 42 7.19 -10.80 -21.52
CA VAL A 42 8.36 -11.12 -20.66
C VAL A 42 7.77 -11.76 -19.38
N PRO A 43 8.45 -12.80 -18.84
CA PRO A 43 7.82 -13.53 -17.72
C PRO A 43 7.87 -12.66 -16.46
N PRO A 44 6.74 -12.49 -15.80
CA PRO A 44 6.72 -11.63 -14.62
C PRO A 44 7.45 -12.28 -13.42
N MET A 45 8.11 -11.48 -12.58
CA MET A 45 8.81 -12.05 -11.39
C MET A 45 7.77 -12.62 -10.46
N ILE A 46 6.64 -11.95 -10.44
CA ILE A 46 5.55 -12.20 -9.49
C ILE A 46 4.33 -12.72 -10.28
N PRO A 47 3.85 -13.93 -9.99
CA PRO A 47 2.63 -14.35 -10.68
C PRO A 47 1.50 -13.32 -10.55
N PRO A 48 0.74 -13.12 -11.62
CA PRO A 48 -0.29 -12.09 -11.69
C PRO A 48 -1.43 -12.22 -10.68
N GLU A 49 -1.64 -13.36 -10.09
CA GLU A 49 -2.74 -13.51 -9.18
C GLU A 49 -3.00 -12.35 -8.19
N GLY A 50 -4.26 -11.97 -8.08
CA GLY A 50 -4.68 -10.98 -7.13
C GLY A 50 -4.68 -9.58 -7.71
N THR A 51 -4.38 -9.40 -8.96
CA THR A 51 -4.44 -8.07 -9.48
C THR A 51 -5.60 -7.68 -10.26
N GLY A 52 -6.68 -8.40 -10.11
CA GLY A 52 -7.95 -8.13 -10.78
C GLY A 52 -8.21 -9.01 -12.01
N LYS A 53 -9.23 -8.66 -12.78
CA LYS A 53 -9.56 -9.30 -14.03
C LYS A 53 -8.36 -9.22 -14.96
N PHE A 54 -8.06 -10.30 -15.63
CA PHE A 54 -6.86 -10.31 -16.38
C PHE A 54 -7.13 -10.55 -17.86
N LEU A 55 -6.59 -9.67 -18.69
CA LEU A 55 -6.70 -9.77 -20.14
C LEU A 55 -5.33 -10.10 -20.69
N GLU A 56 -5.16 -11.35 -21.11
CA GLU A 56 -3.87 -11.83 -21.53
C GLU A 56 -3.85 -11.66 -23.03
N LYS A 57 -3.54 -10.45 -23.47
CA LYS A 57 -3.40 -10.11 -24.90
C LYS A 57 -2.57 -8.83 -25.06
N PRO A 58 -2.08 -8.56 -26.29
CA PRO A 58 -1.39 -7.31 -26.53
C PRO A 58 -2.32 -6.12 -26.41
N VAL A 59 -1.75 -4.97 -26.11
CA VAL A 59 -2.50 -3.72 -26.13
C VAL A 59 -3.22 -3.55 -27.46
N LEU A 60 -2.56 -3.96 -28.57
CA LEU A 60 -3.17 -3.85 -29.87
C LEU A 60 -4.46 -4.63 -30.07
N GLU A 61 -4.81 -5.55 -29.14
CA GLU A 61 -6.04 -6.29 -29.22
C GLU A 61 -7.07 -5.80 -28.21
N LEU A 62 -6.78 -4.68 -27.57
CA LEU A 62 -7.81 -4.02 -26.74
C LEU A 62 -9.00 -3.65 -27.62
N GLU A 63 -10.22 -3.84 -27.07
CA GLU A 63 -11.43 -3.57 -27.84
C GLU A 63 -12.31 -2.61 -27.03
N GLU A 64 -13.19 -1.94 -27.74
CA GLU A 64 -14.18 -1.04 -27.13
C GLU A 64 -14.78 -1.61 -25.84
N ARG A 65 -15.23 -2.86 -25.89
CA ARG A 65 -15.92 -3.43 -24.77
C ARG A 65 -15.01 -3.67 -23.55
N ASP A 66 -13.68 -3.73 -23.74
CA ASP A 66 -12.78 -3.83 -22.60
C ASP A 66 -12.79 -2.50 -21.79
N LEU A 67 -13.20 -1.41 -22.44
CA LEU A 67 -13.10 -0.07 -21.86
C LEU A 67 -14.47 0.50 -21.41
N SER A 68 -15.52 -0.24 -21.62
CA SER A 68 -16.86 0.35 -21.53
C SER A 68 -17.22 0.86 -20.09
N ASP A 69 -16.63 0.26 -19.05
CA ASP A 69 -16.87 0.76 -17.69
C ASP A 69 -15.60 1.38 -17.09
N VAL A 70 -14.64 1.72 -17.94
CA VAL A 70 -13.35 2.16 -17.45
C VAL A 70 -13.24 3.68 -17.37
N ARG A 71 -12.86 4.19 -16.22
CA ARG A 71 -12.69 5.59 -16.05
C ARG A 71 -11.28 6.08 -16.19
N LEU A 72 -10.30 5.20 -16.00
CA LEU A 72 -8.93 5.61 -15.98
C LEU A 72 -8.09 4.46 -16.45
N VAL A 73 -7.15 4.80 -17.33
CA VAL A 73 -6.17 3.85 -17.86
C VAL A 73 -4.78 4.29 -17.49
N TYR A 74 -3.94 3.35 -17.04
CA TYR A 74 -2.53 3.57 -16.89
C TYR A 74 -1.92 2.73 -17.95
N HIS A 75 -1.25 3.38 -18.90
CA HIS A 75 -0.62 2.63 -19.97
C HIS A 75 0.86 2.41 -19.66
N LEU A 76 1.18 1.22 -19.18
CA LEU A 76 2.56 0.95 -18.72
C LEU A 76 3.19 -0.16 -19.54
N ALA A 77 2.47 -0.74 -20.49
CA ALA A 77 2.96 -1.84 -21.28
C ALA A 77 3.97 -1.25 -22.27
N SER A 78 5.16 -1.82 -22.26
CA SER A 78 6.22 -1.38 -23.15
C SER A 78 7.23 -2.47 -23.43
N HIS A 79 7.89 -2.43 -24.58
CA HIS A 79 9.25 -3.04 -24.57
C HIS A 79 10.10 -1.96 -23.91
N LYS A 80 11.00 -2.30 -22.95
CA LYS A 80 11.61 -1.21 -22.15
C LYS A 80 13.14 -1.23 -22.08
N SER A 81 13.79 -2.09 -22.86
CA SER A 81 15.26 -2.27 -22.74
C SER A 81 16.06 -1.38 -23.71
N VAL A 82 16.85 -0.47 -23.13
CA VAL A 82 17.60 0.44 -23.95
C VAL A 82 18.57 -0.39 -24.81
N PRO A 83 19.46 -1.22 -24.18
CA PRO A 83 20.53 -1.87 -24.99
C PRO A 83 19.93 -2.83 -26.04
N ARG A 84 18.87 -3.52 -25.67
CA ARG A 84 18.30 -4.49 -26.62
C ARG A 84 17.65 -3.76 -27.84
N SER A 85 17.13 -2.55 -27.63
CA SER A 85 16.54 -1.80 -28.73
C SER A 85 17.55 -1.55 -29.89
N PHE A 86 18.85 -1.60 -29.61
CA PHE A 86 19.84 -1.46 -30.68
C PHE A 86 19.84 -2.70 -31.58
N LYS A 87 19.34 -3.84 -31.05
CA LYS A 87 19.35 -5.14 -31.80
C LYS A 87 18.04 -5.49 -32.45
N GLN A 88 16.94 -5.10 -31.81
CA GLN A 88 15.62 -5.33 -32.39
C GLN A 88 14.89 -3.99 -32.60
N PRO A 89 15.45 -3.09 -33.46
CA PRO A 89 14.82 -1.75 -33.45
C PRO A 89 13.39 -1.78 -33.97
N LEU A 90 13.13 -2.63 -34.97
CA LEU A 90 11.82 -2.66 -35.53
C LEU A 90 10.79 -3.10 -34.54
N ASP A 91 11.14 -4.02 -33.62
CA ASP A 91 10.18 -4.49 -32.60
C ASP A 91 9.71 -3.35 -31.74
N TYR A 92 10.61 -2.39 -31.48
CA TYR A 92 10.23 -1.26 -30.64
C TYR A 92 9.14 -0.36 -31.25
N LEU A 93 8.95 -0.42 -32.56
CA LEU A 93 7.77 0.29 -33.18
C LEU A 93 6.40 -0.13 -32.57
N ASP A 94 6.34 -1.34 -32.00
CA ASP A 94 5.16 -1.83 -31.31
C ASP A 94 4.77 -0.84 -30.21
N ASN A 95 5.76 -0.12 -29.64
CA ASN A 95 5.42 0.87 -28.58
C ASN A 95 4.61 2.02 -29.14
N VAL A 96 4.89 2.44 -30.37
CA VAL A 96 4.13 3.49 -31.01
C VAL A 96 2.77 2.94 -31.46
N ASP A 97 2.76 1.80 -32.12
CA ASP A 97 1.49 1.21 -32.60
C ASP A 97 0.51 1.12 -31.42
N SER A 98 1.00 0.70 -30.27
CA SER A 98 0.13 0.30 -29.16
C SER A 98 -0.47 1.53 -28.60
N GLY A 99 0.33 2.57 -28.45
CA GLY A 99 -0.19 3.84 -27.93
C GLY A 99 -1.20 4.46 -28.88
N ARG A 100 -0.93 4.40 -30.19
CA ARG A 100 -1.87 4.93 -31.16
C ARG A 100 -3.20 4.14 -31.02
N HIS A 101 -3.12 2.81 -30.97
CA HIS A 101 -4.37 2.07 -30.83
C HIS A 101 -5.13 2.38 -29.51
N LEU A 102 -4.42 2.36 -28.38
CA LEU A 102 -5.05 2.56 -27.09
C LEU A 102 -5.75 3.92 -27.04
N LEU A 103 -5.06 4.96 -27.49
CA LEU A 103 -5.62 6.33 -27.35
C LEU A 103 -6.77 6.54 -28.33
N ALA A 104 -6.70 5.97 -29.53
CA ALA A 104 -7.79 5.99 -30.45
C ALA A 104 -9.04 5.33 -29.85
N LEU A 105 -8.88 4.17 -29.23
CA LEU A 105 -10.03 3.45 -28.64
C LEU A 105 -10.57 4.27 -27.45
N CYS A 106 -9.67 4.80 -26.62
CA CYS A 106 -10.18 5.59 -25.48
C CYS A 106 -10.98 6.79 -25.98
N THR A 107 -10.56 7.39 -27.09
CA THR A 107 -11.29 8.55 -27.63
C THR A 107 -12.67 8.08 -28.13
N SER A 108 -12.71 6.97 -28.88
CA SER A 108 -14.01 6.61 -29.43
C SER A 108 -14.98 6.16 -28.38
N VAL A 109 -14.50 5.60 -27.30
CA VAL A 109 -15.39 5.12 -26.20
C VAL A 109 -15.70 6.26 -25.17
N GLY A 110 -14.88 7.31 -25.13
CA GLY A 110 -15.03 8.37 -24.12
C GLY A 110 -14.41 8.06 -22.75
N VAL A 111 -13.28 7.34 -22.71
CA VAL A 111 -12.61 7.09 -21.45
C VAL A 111 -12.12 8.46 -20.91
N PRO A 112 -12.37 8.78 -19.62
CA PRO A 112 -12.07 10.15 -19.14
C PRO A 112 -10.61 10.46 -19.04
N LYS A 113 -9.79 9.48 -18.61
CA LYS A 113 -8.37 9.79 -18.30
C LYS A 113 -7.42 8.66 -18.63
N VAL A 114 -6.30 9.04 -19.23
CA VAL A 114 -5.22 8.11 -19.51
C VAL A 114 -3.89 8.68 -19.04
N VAL A 115 -3.19 7.91 -18.24
CA VAL A 115 -1.82 8.20 -17.86
C VAL A 115 -0.91 7.35 -18.76
N VAL A 116 -0.05 8.03 -19.51
CA VAL A 116 0.84 7.37 -20.45
C VAL A 116 2.23 7.24 -19.87
N GLY A 117 2.74 6.02 -19.77
CA GLY A 117 4.10 5.88 -19.26
C GLY A 117 5.16 6.18 -20.30
N SER A 118 6.04 7.13 -19.95
CA SER A 118 7.18 7.44 -20.78
C SER A 118 8.43 7.34 -19.92
N THR A 119 9.51 8.03 -20.34
CA THR A 119 10.78 7.77 -19.68
C THR A 119 11.68 9.00 -19.84
N CYS A 120 12.59 9.17 -18.88
CA CYS A 120 13.65 10.20 -19.01
C CYS A 120 14.51 9.96 -20.24
N GLU A 121 14.49 8.75 -20.83
CA GLU A 121 15.39 8.48 -21.96
C GLU A 121 15.06 9.38 -23.14
N VAL A 122 13.86 9.92 -23.18
CA VAL A 122 13.51 10.76 -24.30
C VAL A 122 14.38 12.04 -24.28
N TYR A 123 14.90 12.44 -23.12
CA TYR A 123 15.78 13.61 -23.06
C TYR A 123 17.18 13.39 -23.64
N GLY A 124 17.55 12.13 -23.90
CA GLY A 124 18.98 11.83 -24.21
C GLY A 124 19.89 12.32 -23.07
N GLN A 125 21.08 12.80 -23.44
CA GLN A 125 21.89 13.54 -22.47
C GLN A 125 21.33 14.98 -22.46
N ALA A 126 20.55 15.32 -21.45
CA ALA A 126 19.99 16.68 -21.39
C ALA A 126 21.10 17.70 -21.15
N ASP A 127 20.91 18.87 -21.72
CA ASP A 127 21.83 20.00 -21.50
C ASP A 127 21.40 20.89 -20.33
N THR A 128 20.30 20.52 -19.66
CA THR A 128 19.84 21.25 -18.44
C THR A 128 19.69 20.23 -17.35
N LEU A 129 20.42 20.41 -16.25
CA LEU A 129 20.38 19.49 -15.08
C LEU A 129 20.15 20.34 -13.82
N PRO A 130 19.17 19.96 -12.98
CA PRO A 130 18.12 18.95 -13.23
C PRO A 130 17.25 19.29 -14.44
N THR A 131 16.68 18.27 -15.05
CA THR A 131 15.98 18.39 -16.34
C THR A 131 14.48 18.70 -16.20
N PRO A 132 14.04 19.84 -16.70
CA PRO A 132 12.62 20.21 -16.62
C PRO A 132 11.87 19.62 -17.79
N GLU A 133 10.55 19.54 -17.65
CA GLU A 133 9.72 18.84 -18.62
C GLU A 133 9.72 19.53 -19.98
N ASP A 134 10.02 20.83 -20.01
CA ASP A 134 10.09 21.52 -21.32
C ASP A 134 11.38 21.37 -22.13
N SER A 135 12.27 20.46 -21.70
CA SER A 135 13.53 20.23 -22.39
C SER A 135 13.28 19.46 -23.69
N PRO A 136 14.15 19.67 -24.67
CA PRO A 136 13.88 19.08 -25.96
C PRO A 136 14.18 17.60 -25.94
N LEU A 137 13.88 16.90 -27.01
CA LEU A 137 13.95 15.42 -27.08
C LEU A 137 15.13 15.06 -27.92
N SER A 138 15.92 14.15 -27.36
CA SER A 138 17.16 13.78 -27.98
C SER A 138 17.38 12.24 -27.83
N PRO A 139 16.51 11.44 -28.41
CA PRO A 139 16.61 10.01 -28.13
C PRO A 139 17.89 9.46 -28.73
N ARG A 140 18.56 8.65 -27.94
CA ARG A 140 19.87 8.10 -28.34
C ARG A 140 19.82 6.60 -28.67
N SER A 141 18.65 5.96 -28.45
CA SER A 141 18.43 4.53 -28.79
C SER A 141 17.11 4.34 -29.48
N PRO A 142 16.94 3.22 -30.19
CA PRO A 142 15.62 2.92 -30.75
C PRO A 142 14.53 2.85 -29.70
N TYR A 143 14.83 2.33 -28.49
CA TYR A 143 13.82 2.34 -27.45
C TYR A 143 13.37 3.78 -27.13
N ALA A 144 14.35 4.69 -26.89
CA ALA A 144 14.04 6.05 -26.57
C ALA A 144 13.28 6.71 -27.73
N ALA A 145 13.65 6.37 -28.95
CA ALA A 145 12.95 6.90 -30.12
C ALA A 145 11.49 6.47 -30.12
N SER A 146 11.25 5.22 -29.77
CA SER A 146 9.88 4.66 -29.74
C SER A 146 9.05 5.34 -28.65
N LYS A 147 9.71 5.77 -27.57
CA LYS A 147 8.95 6.49 -26.52
C LYS A 147 8.68 7.91 -26.95
N VAL A 148 9.62 8.53 -27.67
CA VAL A 148 9.34 9.82 -28.30
C VAL A 148 8.12 9.71 -29.26
N GLY A 149 8.09 8.68 -30.11
CA GLY A 149 6.92 8.45 -30.95
C GLY A 149 5.62 8.32 -30.15
N LEU A 150 5.67 7.55 -29.06
CA LEU A 150 4.51 7.36 -28.19
C LEU A 150 4.08 8.75 -27.63
N GLU A 151 5.07 9.57 -27.18
CA GLU A 151 4.72 10.90 -26.68
C GLU A 151 4.05 11.79 -27.76
N MET A 152 4.53 11.70 -29.00
CA MET A 152 3.91 12.46 -30.11
C MET A 152 2.49 12.12 -30.36
N VAL A 153 2.19 10.80 -30.28
CA VAL A 153 0.82 10.38 -30.34
C VAL A 153 0.00 10.94 -29.21
N ALA A 154 0.50 10.82 -27.99
CA ALA A 154 -0.24 11.32 -26.82
C ALA A 154 -0.40 12.81 -26.95
N GLY A 155 0.66 13.52 -27.41
CA GLY A 155 0.54 15.03 -27.60
C GLY A 155 -0.63 15.47 -28.50
N ALA A 156 -0.85 14.72 -29.58
CA ALA A 156 -1.97 15.07 -30.47
C ALA A 156 -3.29 14.94 -29.70
N HIS A 157 -3.45 13.89 -28.90
CA HIS A 157 -4.69 13.71 -28.10
C HIS A 157 -4.82 14.82 -27.07
N GLN A 158 -3.71 15.27 -26.51
CA GLN A 158 -3.73 16.41 -25.56
C GLN A 158 -4.22 17.71 -26.16
N ARG A 159 -3.89 17.94 -27.42
CA ARG A 159 -4.31 19.14 -28.15
C ARG A 159 -5.74 19.05 -28.62
N ALA A 160 -6.31 17.86 -28.65
CA ALA A 160 -7.65 17.70 -29.17
C ALA A 160 -8.68 17.96 -28.06
N SER A 161 -9.78 18.58 -28.39
CA SER A 161 -10.74 18.90 -27.31
C SER A 161 -11.77 17.80 -27.17
N VAL A 162 -11.28 16.61 -26.89
CA VAL A 162 -12.13 15.43 -26.71
C VAL A 162 -11.45 14.53 -25.68
N ALA A 163 -12.24 13.68 -25.03
CA ALA A 163 -11.74 12.72 -24.06
C ALA A 163 -10.85 11.71 -24.82
N PRO A 164 -9.85 11.11 -24.15
CA PRO A 164 -9.45 11.28 -22.75
C PRO A 164 -8.60 12.53 -22.48
N GLU A 165 -8.66 13.01 -21.22
CA GLU A 165 -7.58 13.79 -20.61
C GLU A 165 -6.33 12.85 -20.56
N VAL A 166 -5.23 13.31 -21.13
CA VAL A 166 -4.04 12.53 -21.26
C VAL A 166 -2.88 13.19 -20.58
N GLY A 167 -2.23 12.42 -19.72
CA GLY A 167 -1.03 12.92 -18.95
C GLY A 167 0.13 12.00 -19.26
N ILE A 168 1.26 12.59 -19.58
CA ILE A 168 2.49 11.80 -19.78
C ILE A 168 3.35 11.81 -18.53
N VAL A 169 3.76 10.62 -18.07
CA VAL A 169 4.66 10.55 -16.91
C VAL A 169 6.01 10.10 -17.48
N ARG A 170 7.04 10.91 -17.27
CA ARG A 170 8.39 10.47 -17.60
C ARG A 170 9.09 9.87 -16.38
N PHE A 171 9.10 8.54 -16.30
CA PHE A 171 9.73 7.88 -15.19
C PHE A 171 11.25 7.99 -15.30
N PHE A 172 11.92 8.26 -14.19
CA PHE A 172 13.36 8.11 -14.14
C PHE A 172 13.60 6.69 -13.63
N ASN A 173 14.78 6.30 -13.21
CA ASN A 173 15.02 4.91 -12.91
C ASN A 173 14.22 4.43 -11.70
N VAL A 174 13.32 3.49 -11.89
CA VAL A 174 12.48 2.96 -10.78
C VAL A 174 13.11 1.61 -10.38
N TYR A 175 13.23 1.32 -9.09
CA TYR A 175 13.78 0.05 -8.68
C TYR A 175 13.03 -0.50 -7.47
N GLY A 176 13.17 -1.80 -7.21
CA GLY A 176 12.58 -2.41 -6.03
C GLY A 176 12.30 -3.87 -6.29
N PRO A 177 11.80 -4.56 -5.28
CA PRO A 177 11.31 -5.95 -5.37
C PRO A 177 10.38 -6.13 -6.56
N GLY A 178 10.58 -7.20 -7.31
CA GLY A 178 9.69 -7.53 -8.41
C GLY A 178 10.22 -7.12 -9.77
N GLU A 179 11.26 -6.29 -9.80
CA GLU A 179 11.77 -5.84 -11.04
C GLU A 179 12.75 -6.93 -11.60
N ARG A 180 12.56 -7.29 -12.87
CA ARG A 180 13.42 -8.29 -13.53
C ARG A 180 14.86 -7.85 -13.54
N PRO A 181 15.78 -8.82 -13.56
CA PRO A 181 17.16 -8.45 -13.35
C PRO A 181 17.92 -7.98 -14.59
N ASP A 182 17.27 -7.32 -15.53
CA ASP A 182 18.06 -6.73 -16.63
C ASP A 182 18.44 -5.27 -16.28
N ALA A 183 17.71 -4.69 -15.33
CA ALA A 183 17.99 -3.38 -14.77
C ALA A 183 19.06 -3.42 -13.68
N LEU A 184 19.74 -2.32 -13.46
CA LEU A 184 20.92 -2.25 -12.58
C LEU A 184 20.72 -2.87 -11.18
N VAL A 185 19.82 -2.31 -10.39
CA VAL A 185 19.73 -2.76 -9.02
C VAL A 185 19.45 -4.29 -8.94
N PRO A 186 18.39 -4.77 -9.63
CA PRO A 186 18.16 -6.19 -9.53
C PRO A 186 19.27 -7.00 -10.17
N ARG A 187 19.89 -6.48 -11.24
CA ARG A 187 20.99 -7.23 -11.88
C ARG A 187 22.09 -7.41 -10.88
N LEU A 188 22.45 -6.34 -10.17
CA LEU A 188 23.50 -6.40 -9.17
C LEU A 188 23.15 -7.39 -8.07
N CYS A 189 21.91 -7.30 -7.57
CA CYS A 189 21.44 -8.25 -6.59
C CYS A 189 21.53 -9.68 -7.08
N ALA A 190 20.91 -9.97 -8.23
CA ALA A 190 20.94 -11.33 -8.77
C ALA A 190 22.38 -11.87 -9.02
N ASN A 191 23.30 -10.97 -9.37
CA ASN A 191 24.69 -11.35 -9.66
C ASN A 191 25.52 -11.52 -8.39
N LEU A 192 25.22 -10.69 -7.40
CA LEU A 192 25.85 -10.76 -6.10
C LEU A 192 25.56 -12.12 -5.48
N LEU A 193 24.31 -12.57 -5.63
CA LEU A 193 23.85 -13.82 -5.05
C LEU A 193 24.27 -15.10 -5.79
N THR A 194 24.29 -15.09 -7.11
CA THR A 194 24.66 -16.31 -7.82
C THR A 194 26.14 -16.37 -8.26
N ARG A 195 26.87 -15.26 -8.18
CA ARG A 195 28.20 -15.17 -8.75
C ARG A 195 29.18 -14.37 -7.92
N ASN A 196 28.72 -13.81 -6.81
CA ASN A 196 29.57 -12.93 -6.01
C ASN A 196 30.30 -11.88 -6.86
N GLU A 197 29.56 -11.31 -7.81
CA GLU A 197 30.07 -10.35 -8.77
C GLU A 197 29.12 -9.15 -8.89
N LEU A 198 29.69 -7.98 -9.14
CA LEU A 198 28.93 -6.75 -9.35
C LEU A 198 29.33 -6.17 -10.70
N PRO A 199 28.62 -6.57 -11.78
CA PRO A 199 28.98 -6.12 -13.14
C PRO A 199 28.84 -4.61 -13.33
N VAL A 200 29.89 -3.99 -13.84
CA VAL A 200 29.85 -2.55 -14.17
C VAL A 200 30.14 -2.38 -15.66
N GLU A 201 29.18 -1.77 -16.36
CA GLU A 201 29.32 -1.51 -17.78
C GLU A 201 30.03 -0.17 -17.92
N GLY A 202 31.22 -0.17 -18.54
CA GLY A 202 32.06 1.04 -18.65
C GLY A 202 32.69 1.42 -17.34
N ASP A 203 33.00 2.71 -17.13
CA ASP A 203 33.75 3.12 -15.92
C ASP A 203 32.88 3.22 -14.66
N GLY A 204 31.55 3.09 -14.79
CA GLY A 204 30.67 3.23 -13.62
C GLY A 204 30.44 4.64 -13.07
N GLU A 205 31.00 5.64 -13.75
CA GLU A 205 30.80 7.07 -13.41
C GLU A 205 29.46 7.65 -13.89
N GLN A 206 28.82 6.94 -14.80
CA GLN A 206 27.51 7.34 -15.33
C GLN A 206 26.50 7.38 -14.18
N ARG A 207 25.54 8.31 -14.26
CA ARG A 207 24.66 8.62 -13.12
C ARG A 207 23.17 8.51 -13.49
N ARG A 208 22.37 8.04 -12.53
CA ARG A 208 20.95 7.87 -12.73
C ARG A 208 20.23 8.44 -11.53
N ASP A 209 18.99 8.80 -11.76
CA ASP A 209 18.12 9.33 -10.70
C ASP A 209 17.19 8.18 -10.30
N PHE A 210 17.39 7.61 -9.11
CA PHE A 210 16.66 6.41 -8.63
C PHE A 210 15.48 6.76 -7.74
N THR A 211 14.35 6.09 -7.98
CA THR A 211 13.20 6.17 -7.08
C THR A 211 12.67 4.80 -6.74
N TYR A 212 12.37 4.61 -5.45
CA TYR A 212 11.92 3.28 -4.97
C TYR A 212 10.49 3.03 -5.38
N ILE A 213 10.16 1.78 -5.71
CA ILE A 213 8.87 1.43 -6.34
C ILE A 213 7.67 1.93 -5.51
N THR A 214 7.73 1.82 -4.18
CA THR A 214 6.54 2.22 -3.38
C THR A 214 6.24 3.69 -3.50
N ASP A 215 7.31 4.51 -3.57
CA ASP A 215 7.14 5.95 -3.77
C ASP A 215 6.52 6.24 -5.15
N VAL A 216 6.91 5.48 -6.17
CA VAL A 216 6.42 5.76 -7.51
C VAL A 216 4.96 5.37 -7.55
N VAL A 217 4.63 4.23 -6.92
CA VAL A 217 3.26 3.81 -6.90
C VAL A 217 2.38 4.83 -6.18
N ASP A 218 2.84 5.35 -5.05
CA ASP A 218 2.10 6.38 -4.32
C ASP A 218 1.78 7.60 -5.20
N LYS A 219 2.79 8.04 -5.95
CA LYS A 219 2.66 9.16 -6.90
C LYS A 219 1.71 8.84 -8.04
N LEU A 220 1.76 7.61 -8.55
CA LEU A 220 0.83 7.22 -9.63
C LEU A 220 -0.61 7.21 -9.15
N VAL A 221 -0.80 6.74 -7.89
CA VAL A 221 -2.11 6.68 -7.31
C VAL A 221 -2.62 8.11 -7.08
N ALA A 222 -1.75 9.00 -6.60
CA ALA A 222 -2.13 10.43 -6.43
C ALA A 222 -2.68 11.04 -7.73
N LEU A 223 -2.22 10.58 -8.88
CA LEU A 223 -2.79 10.98 -10.20
C LEU A 223 -4.18 10.47 -10.50
N ALA A 224 -4.65 9.39 -9.85
CA ALA A 224 -5.99 8.84 -10.18
C ALA A 224 -7.13 9.87 -10.00
N ASN A 225 -7.01 10.76 -9.02
CA ASN A 225 -8.07 11.68 -8.64
C ASN A 225 -7.72 13.18 -8.72
N ARG A 226 -6.76 13.56 -9.54
CA ARG A 226 -6.40 14.94 -9.80
C ARG A 226 -6.27 15.19 -11.30
N PRO A 227 -6.41 16.46 -11.73
CA PRO A 227 -6.14 16.79 -13.13
C PRO A 227 -4.72 16.36 -13.55
N LEU A 228 -4.55 15.83 -14.75
CA LEU A 228 -3.24 15.32 -15.16
C LEU A 228 -2.47 16.42 -15.83
N PRO A 229 -1.20 16.58 -15.47
CA PRO A 229 -0.34 17.52 -16.18
C PRO A 229 -0.01 16.93 -17.57
N SER A 230 0.31 17.75 -18.58
CA SER A 230 0.52 17.17 -19.89
C SER A 230 1.73 16.27 -19.82
N VAL A 231 2.75 16.72 -19.11
CA VAL A 231 3.95 15.88 -18.90
C VAL A 231 4.52 16.16 -17.49
N VAL A 232 4.89 15.10 -16.78
CA VAL A 232 5.51 15.32 -15.47
C VAL A 232 6.65 14.28 -15.31
N ASN A 233 7.83 14.75 -14.90
CA ASN A 233 8.90 13.87 -14.41
C ASN A 233 8.49 13.16 -13.12
N PHE A 234 8.70 11.84 -13.08
CA PHE A 234 8.74 11.11 -11.80
C PHE A 234 10.17 10.69 -11.52
N GLY A 235 10.88 11.46 -10.73
CA GLY A 235 12.22 11.16 -10.33
C GLY A 235 12.40 11.67 -8.90
N SER A 236 13.57 11.41 -8.33
CA SER A 236 13.86 11.84 -6.97
C SER A 236 14.42 13.26 -7.01
N GLY A 237 15.01 13.65 -8.14
CA GLY A 237 15.74 14.97 -8.21
C GLY A 237 17.20 14.92 -7.82
N GLN A 238 17.67 13.75 -7.45
CA GLN A 238 19.08 13.51 -7.18
C GLN A 238 19.59 12.31 -8.01
N SER A 239 20.82 12.44 -8.50
CA SER A 239 21.49 11.38 -9.22
C SER A 239 22.61 10.68 -8.43
N LEU A 240 22.87 9.42 -8.74
CA LEU A 240 23.94 8.63 -8.14
C LEU A 240 24.67 7.91 -9.24
N SER A 241 25.99 7.77 -9.10
CA SER A 241 26.74 7.01 -10.09
C SER A 241 26.46 5.54 -9.90
N VAL A 242 26.64 4.76 -10.97
CA VAL A 242 26.70 3.29 -10.87
C VAL A 242 27.70 2.82 -9.75
N ASN A 243 28.88 3.47 -9.68
CA ASN A 243 29.85 3.20 -8.60
C ASN A 243 29.33 3.45 -7.18
N ASP A 244 28.44 4.45 -7.02
CA ASP A 244 27.85 4.75 -5.72
C ASP A 244 26.95 3.61 -5.27
N VAL A 245 26.21 3.04 -6.23
CA VAL A 245 25.36 1.89 -5.97
C VAL A 245 26.19 0.65 -5.67
N ILE A 246 27.23 0.41 -6.48
CA ILE A 246 28.21 -0.65 -6.24
C ILE A 246 28.71 -0.54 -4.79
N ARG A 247 29.27 0.62 -4.44
CA ARG A 247 29.75 0.95 -3.08
C ARG A 247 28.78 0.48 -1.99
N ILE A 248 27.53 0.94 -2.07
CA ILE A 248 26.49 0.56 -1.10
C ILE A 248 26.37 -0.96 -0.96
N LEU A 249 26.48 -1.70 -2.07
CA LEU A 249 26.39 -3.15 -2.02
C LEU A 249 27.63 -3.84 -1.44
N GLN A 250 28.81 -3.30 -1.75
CA GLN A 250 30.03 -3.85 -1.15
C GLN A 250 30.16 -3.53 0.34
N ALA A 251 29.44 -2.50 0.79
CA ALA A 251 29.33 -2.23 2.22
C ALA A 251 28.61 -3.40 2.89
N THR A 252 27.85 -4.14 2.08
CA THR A 252 27.08 -5.27 2.53
C THR A 252 27.79 -6.60 2.27
N SER A 253 28.56 -6.63 1.21
CA SER A 253 29.25 -7.82 0.80
C SER A 253 30.67 -7.48 0.34
N PRO A 254 31.57 -7.30 1.33
CA PRO A 254 32.96 -6.92 1.02
C PRO A 254 33.70 -7.88 0.09
N ALA A 255 33.27 -9.14 0.03
CA ALA A 255 33.92 -10.16 -0.79
C ALA A 255 33.58 -10.03 -2.25
N ALA A 256 32.57 -9.21 -2.56
CA ALA A 256 32.11 -9.07 -3.93
C ALA A 256 33.16 -8.55 -4.90
N GLU A 257 33.17 -9.19 -6.06
CA GLU A 257 34.06 -8.82 -7.09
C GLU A 257 33.32 -8.05 -8.16
N VAL A 258 33.91 -6.90 -8.51
CA VAL A 258 33.36 -6.03 -9.52
C VAL A 258 33.84 -6.52 -10.85
N ALA A 259 32.91 -6.93 -11.69
CA ALA A 259 33.28 -7.44 -12.99
C ALA A 259 33.07 -6.36 -14.02
N ARG A 260 34.18 -5.85 -14.55
CA ARG A 260 34.15 -4.81 -15.55
C ARG A 260 33.54 -5.36 -16.79
N LYS A 261 32.58 -4.61 -17.29
CA LYS A 261 31.94 -4.89 -18.56
C LYS A 261 32.16 -3.74 -19.54
N GLN A 262 31.89 -4.09 -20.76
CA GLN A 262 31.93 -3.24 -21.87
C GLN A 262 30.86 -2.11 -21.75
N PRO A 263 31.23 -0.87 -22.10
CA PRO A 263 30.28 0.26 -21.93
C PRO A 263 29.14 0.18 -22.91
N ARG A 264 28.03 0.83 -22.59
CA ARG A 264 26.95 0.84 -23.52
C ARG A 264 27.27 1.77 -24.68
N PRO A 265 26.69 1.50 -25.85
CA PRO A 265 26.71 2.49 -26.93
C PRO A 265 25.85 3.70 -26.60
N ASN A 266 26.23 4.86 -27.13
CA ASN A 266 25.48 6.11 -26.93
C ASN A 266 25.08 6.29 -25.47
N GLU A 267 26.00 5.98 -24.57
CA GLU A 267 25.71 6.00 -23.13
C GLU A 267 25.36 7.41 -22.70
N ILE A 268 24.52 7.50 -21.68
CA ILE A 268 24.16 8.78 -21.10
C ILE A 268 24.87 8.92 -19.78
N THR A 269 25.57 10.04 -19.64
CA THR A 269 26.38 10.35 -18.46
C THR A 269 25.58 10.66 -17.21
N GLU A 270 24.46 11.37 -17.38
CA GLU A 270 23.63 11.71 -16.22
C GLU A 270 22.18 11.94 -16.61
N PHE A 271 21.28 11.22 -15.90
CA PHE A 271 19.87 11.65 -15.84
C PHE A 271 19.63 12.19 -14.43
N ARG A 272 18.88 13.30 -14.36
CA ARG A 272 18.50 13.93 -13.09
C ARG A 272 17.21 14.74 -13.27
N ALA A 273 16.16 14.33 -12.58
CA ALA A 273 14.86 14.99 -12.71
C ALA A 273 14.78 16.34 -12.04
N ASP A 274 14.26 17.32 -12.77
CA ASP A 274 13.78 18.51 -12.07
C ASP A 274 12.39 18.17 -11.51
N THR A 275 12.18 18.33 -10.21
CA THR A 275 10.95 17.82 -9.52
C THR A 275 9.94 18.95 -9.19
N ALA A 276 10.20 20.17 -9.64
CA ALA A 276 9.34 21.33 -9.22
C ALA A 276 7.86 21.08 -9.64
N LEU A 277 7.66 20.65 -10.89
CA LEU A 277 6.28 20.37 -11.36
C LEU A 277 5.64 19.20 -10.61
N GLN A 278 6.37 18.10 -10.50
CA GLN A 278 5.91 16.95 -9.69
C GLN A 278 5.45 17.47 -8.27
N THR A 279 6.32 18.22 -7.61
CA THR A 279 6.05 18.72 -6.25
C THR A 279 4.76 19.56 -6.26
N ARG A 280 4.61 20.41 -7.26
CA ARG A 280 3.42 21.24 -7.35
C ARG A 280 2.17 20.45 -7.67
N GLN A 281 2.22 19.57 -8.64
CA GLN A 281 0.98 18.88 -8.99
C GLN A 281 0.53 17.84 -7.98
N ILE A 282 1.45 17.13 -7.35
CA ILE A 282 1.08 16.03 -6.46
C ILE A 282 1.70 16.19 -5.08
N GLY A 283 2.28 17.37 -4.88
CA GLY A 283 2.87 17.72 -3.63
C GLY A 283 3.92 16.71 -3.32
N GLU A 284 4.29 16.65 -2.06
CA GLU A 284 5.27 15.65 -1.67
C GLU A 284 4.94 15.27 -0.30
N ARG A 285 5.23 14.03 0.01
CA ARG A 285 4.97 13.56 1.33
C ARG A 285 6.32 13.55 2.03
N SER A 286 6.28 13.61 3.35
CA SER A 286 7.49 13.57 4.16
C SER A 286 8.39 12.37 3.82
N GLY A 287 7.84 11.16 3.85
CA GLY A 287 8.68 9.99 3.73
C GLY A 287 9.40 9.81 2.42
N GLY A 288 9.31 8.60 1.89
CA GLY A 288 10.08 8.27 0.71
C GLY A 288 11.29 7.49 1.13
N ILE A 289 11.60 6.47 0.33
CA ILE A 289 12.63 5.50 0.68
C ILE A 289 13.94 5.95 0.08
N GLY A 290 14.93 6.17 0.95
CA GLY A 290 16.28 6.55 0.53
C GLY A 290 16.96 5.36 -0.12
N ILE A 291 18.03 5.63 -0.85
CA ILE A 291 18.73 4.62 -1.66
C ILE A 291 19.32 3.44 -0.83
N GLU A 292 19.98 3.74 0.30
CA GLU A 292 20.46 2.70 1.24
C GLU A 292 19.37 1.67 1.58
N GLU A 293 18.27 2.16 2.09
CA GLU A 293 17.18 1.32 2.51
C GLU A 293 16.50 0.56 1.34
N GLY A 294 16.34 1.24 0.20
CA GLY A 294 15.74 0.68 -0.97
C GLY A 294 16.57 -0.46 -1.49
N ILE A 295 17.90 -0.27 -1.52
CA ILE A 295 18.76 -1.33 -2.00
C ILE A 295 18.65 -2.52 -1.07
N ARG A 296 18.69 -2.26 0.23
CA ARG A 296 18.61 -3.32 1.24
C ARG A 296 17.28 -4.12 1.05
N LEU A 297 16.15 -3.41 0.91
CA LEU A 297 14.88 -4.08 0.73
C LEU A 297 14.84 -4.92 -0.55
N THR A 298 15.48 -4.40 -1.60
CA THR A 298 15.57 -5.11 -2.87
C THR A 298 16.40 -6.38 -2.72
N LEU A 299 17.59 -6.25 -2.11
CA LEU A 299 18.49 -7.39 -1.88
C LEU A 299 17.83 -8.48 -1.02
N GLU A 300 17.18 -8.06 0.06
CA GLU A 300 16.41 -8.97 0.92
C GLU A 300 15.33 -9.71 0.17
N TRP A 301 14.66 -9.01 -0.73
CA TRP A 301 13.68 -9.67 -1.58
C TRP A 301 14.33 -10.78 -2.45
N TRP A 302 15.44 -10.43 -3.12
CA TRP A 302 16.21 -11.39 -3.90
C TRP A 302 16.67 -12.59 -3.07
N GLN A 303 17.18 -12.33 -1.85
CA GLN A 303 17.51 -13.36 -0.84
C GLN A 303 16.39 -14.34 -0.47
N SER A 304 15.14 -13.92 -0.60
CA SER A 304 14.02 -14.82 -0.36
C SER A 304 13.61 -15.62 -1.62
N ARG A 305 14.35 -15.45 -2.71
CA ARG A 305 14.05 -16.18 -3.95
C ARG A 305 14.91 -17.42 -3.96
N ASP A 306 14.35 -18.48 -4.51
CA ASP A 306 15.05 -19.75 -4.64
C ASP A 306 16.23 -19.55 -5.61
N LEU A 307 17.40 -20.10 -5.23
CA LEU A 307 18.66 -19.94 -5.98
C LEU A 307 18.56 -20.07 -7.50
N ASP A 308 17.64 -20.91 -7.98
CA ASP A 308 17.56 -21.16 -9.42
C ASP A 308 17.20 -19.91 -10.21
N ASP A 309 16.12 -19.22 -9.80
CA ASP A 309 15.83 -17.89 -10.20
C ASP A 309 16.28 -17.38 -11.57
N HIS B 8 -2.98 -23.66 3.43
CA HIS B 8 -2.78 -22.47 2.52
C HIS B 8 -3.63 -21.20 2.72
N ARG B 9 -4.87 -21.34 3.16
CA ARG B 9 -5.86 -20.26 3.13
C ARG B 9 -5.66 -19.34 4.35
N ILE B 10 -6.13 -18.11 4.26
CA ILE B 10 -6.15 -17.22 5.39
C ILE B 10 -7.58 -16.95 5.71
N LEU B 11 -7.93 -17.06 6.99
CA LEU B 11 -9.27 -16.74 7.39
C LEU B 11 -9.23 -15.50 8.26
N ILE B 12 -10.17 -14.56 8.03
CA ILE B 12 -10.21 -13.33 8.82
C ILE B 12 -11.61 -13.15 9.47
N THR B 13 -11.66 -13.21 10.78
CA THR B 13 -12.93 -13.04 11.42
C THR B 13 -13.10 -11.57 11.51
N GLY B 14 -14.33 -11.09 11.48
CA GLY B 14 -14.52 -9.63 11.47
C GLY B 14 -14.09 -9.02 10.13
N GLY B 15 -13.95 -9.90 9.12
CA GLY B 15 -13.44 -9.52 7.79
C GLY B 15 -14.32 -8.65 6.90
N ALA B 16 -15.54 -8.29 7.36
CA ALA B 16 -16.33 -7.28 6.64
C ALA B 16 -16.22 -5.89 7.27
N GLY B 17 -15.54 -5.79 8.43
CA GLY B 17 -15.49 -4.56 9.22
C GLY B 17 -14.35 -3.73 8.75
N PHE B 18 -14.05 -2.66 9.51
CA PHE B 18 -13.05 -1.64 9.09
C PHE B 18 -11.65 -2.24 8.90
N ILE B 19 -11.03 -2.73 9.95
CA ILE B 19 -9.69 -3.31 9.77
C ILE B 19 -9.69 -4.60 9.01
N GLY B 20 -10.57 -5.53 9.37
CA GLY B 20 -10.61 -6.82 8.64
C GLY B 20 -10.94 -6.68 7.17
N GLY B 21 -11.87 -5.74 6.84
CA GLY B 21 -12.22 -5.56 5.43
C GLY B 21 -11.02 -5.00 4.62
N HIS B 22 -10.31 -4.05 5.16
CA HIS B 22 -9.10 -3.58 4.46
C HIS B 22 -8.03 -4.68 4.34
N LEU B 23 -7.87 -5.48 5.40
CA LEU B 23 -6.86 -6.55 5.38
C LEU B 23 -7.22 -7.59 4.32
N ALA B 24 -8.51 -7.96 4.30
CA ALA B 24 -8.94 -8.95 3.31
C ALA B 24 -8.59 -8.50 1.86
N ARG B 25 -8.89 -7.24 1.54
CA ARG B 25 -8.63 -6.68 0.18
C ARG B 25 -7.12 -6.71 -0.08
N ALA B 26 -6.32 -6.30 0.91
CA ALA B 26 -4.85 -6.31 0.71
C ALA B 26 -4.32 -7.73 0.52
N LEU B 27 -4.92 -8.71 1.24
CA LEU B 27 -4.42 -10.09 1.07
C LEU B 27 -4.86 -10.68 -0.23
N VAL B 28 -6.08 -10.32 -0.66
CA VAL B 28 -6.58 -10.79 -1.97
C VAL B 28 -5.66 -10.14 -3.00
N ALA B 29 -5.41 -8.83 -2.82
CA ALA B 29 -4.60 -8.10 -3.81
C ALA B 29 -3.22 -8.77 -3.90
N SER B 30 -2.81 -9.45 -2.83
CA SER B 30 -1.51 -10.11 -2.81
C SER B 30 -1.58 -11.49 -3.36
N GLY B 31 -2.74 -11.94 -3.85
CA GLY B 31 -2.81 -13.27 -4.49
C GLY B 31 -3.15 -14.37 -3.48
N GLU B 32 -3.53 -14.00 -2.25
CA GLU B 32 -3.90 -15.02 -1.27
C GLU B 32 -5.33 -15.47 -1.44
N GLU B 33 -5.59 -16.66 -0.93
CA GLU B 33 -6.90 -17.24 -0.83
C GLU B 33 -7.44 -16.85 0.51
N VAL B 34 -8.50 -16.06 0.52
CA VAL B 34 -8.96 -15.49 1.78
C VAL B 34 -10.40 -15.96 2.01
N THR B 35 -10.70 -16.31 3.27
CA THR B 35 -12.07 -16.47 3.73
C THR B 35 -12.32 -15.42 4.73
N VAL B 36 -13.40 -14.65 4.56
CA VAL B 36 -13.89 -13.68 5.52
C VAL B 36 -15.06 -14.32 6.31
N LEU B 37 -15.01 -14.20 7.64
CA LEU B 37 -16.12 -14.59 8.51
C LEU B 37 -16.62 -13.35 9.21
N ASP B 38 -17.93 -13.10 9.16
CA ASP B 38 -18.47 -11.90 9.75
C ASP B 38 -19.97 -12.03 9.74
N ASP B 39 -20.61 -11.85 10.90
CA ASP B 39 -22.07 -11.99 10.93
C ASP B 39 -22.84 -10.69 10.68
N LEU B 40 -22.08 -9.64 10.34
CA LEU B 40 -22.64 -8.30 10.03
C LEU B 40 -23.55 -7.78 11.14
N ARG B 41 -23.20 -8.05 12.39
CA ARG B 41 -23.95 -7.53 13.53
C ARG B 41 -23.90 -5.99 13.62
N VAL B 42 -22.84 -5.38 13.06
CA VAL B 42 -22.83 -3.94 12.81
C VAL B 42 -22.74 -3.72 11.29
N PRO B 43 -23.55 -2.80 10.73
CA PRO B 43 -23.57 -2.68 9.28
C PRO B 43 -22.23 -2.10 8.80
N PRO B 44 -21.56 -2.81 7.88
CA PRO B 44 -20.25 -2.35 7.42
C PRO B 44 -20.39 -1.06 6.62
N MET B 45 -19.38 -0.17 6.66
CA MET B 45 -19.47 1.04 5.82
C MET B 45 -19.33 0.71 4.35
N ILE B 46 -18.46 -0.24 4.07
CA ILE B 46 -18.25 -0.71 2.72
C ILE B 46 -18.87 -2.08 2.60
N PRO B 47 -19.83 -2.24 1.70
CA PRO B 47 -20.41 -3.57 1.54
C PRO B 47 -19.36 -4.57 1.18
N PRO B 48 -19.47 -5.76 1.79
CA PRO B 48 -18.53 -6.85 1.59
C PRO B 48 -18.68 -7.29 0.16
N GLU B 49 -17.59 -7.23 -0.59
CA GLU B 49 -17.62 -7.52 -2.02
C GLU B 49 -16.28 -8.08 -2.47
N GLY B 50 -16.27 -8.67 -3.67
CA GLY B 50 -15.04 -9.19 -4.23
C GLY B 50 -14.75 -10.64 -3.91
N THR B 51 -13.54 -11.06 -4.25
CA THR B 51 -13.14 -12.46 -4.21
C THR B 51 -13.00 -13.03 -2.80
N GLY B 52 -13.11 -14.34 -2.73
CA GLY B 52 -12.96 -15.08 -1.48
C GLY B 52 -14.29 -15.50 -0.88
N LYS B 53 -14.24 -16.54 -0.07
CA LYS B 53 -15.42 -17.09 0.59
C LYS B 53 -15.94 -16.13 1.64
N PHE B 54 -17.26 -16.07 1.77
CA PHE B 54 -17.86 -15.31 2.84
C PHE B 54 -18.74 -16.22 3.68
N LEU B 55 -18.44 -16.29 4.97
CA LEU B 55 -19.20 -17.09 5.95
C LEU B 55 -19.90 -16.07 6.81
N GLU B 56 -21.21 -15.93 6.56
CA GLU B 56 -21.98 -14.95 7.26
C GLU B 56 -22.57 -15.56 8.51
N LYS B 57 -21.74 -15.64 9.55
CA LYS B 57 -22.11 -16.35 10.79
C LYS B 57 -21.19 -15.91 11.93
N PRO B 58 -21.63 -16.16 13.17
CA PRO B 58 -20.73 -15.78 14.26
C PRO B 58 -19.49 -16.67 14.33
N VAL B 59 -18.46 -16.13 14.97
CA VAL B 59 -17.25 -16.90 15.26
C VAL B 59 -17.67 -18.19 16.00
N LEU B 60 -18.69 -18.10 16.86
CA LEU B 60 -19.08 -19.25 17.68
C LEU B 60 -19.72 -20.40 16.85
N GLU B 61 -20.04 -20.12 15.58
CA GLU B 61 -20.54 -21.18 14.71
C GLU B 61 -19.50 -21.67 13.75
N LEU B 62 -18.28 -21.21 13.91
CA LEU B 62 -17.14 -21.77 13.18
C LEU B 62 -17.01 -23.29 13.45
N GLU B 63 -16.85 -24.08 12.38
CA GLU B 63 -16.67 -25.54 12.54
C GLU B 63 -15.34 -25.94 11.98
N GLU B 64 -14.91 -27.17 12.31
CA GLU B 64 -13.66 -27.74 11.85
C GLU B 64 -13.45 -27.63 10.37
N ARG B 65 -14.50 -27.96 9.59
CA ARG B 65 -14.40 -27.90 8.12
C ARG B 65 -14.08 -26.46 7.62
N ASP B 66 -14.43 -25.42 8.39
CA ASP B 66 -14.12 -24.02 7.98
C ASP B 66 -12.61 -23.72 8.03
N LEU B 67 -11.87 -24.55 8.80
CA LEU B 67 -10.44 -24.34 9.06
C LEU B 67 -9.56 -25.36 8.44
N SER B 68 -10.16 -26.36 7.82
CA SER B 68 -9.40 -27.50 7.36
C SER B 68 -8.27 -27.17 6.35
N ASP B 69 -8.40 -26.11 5.54
CA ASP B 69 -7.29 -25.75 4.62
C ASP B 69 -6.59 -24.46 5.05
N VAL B 70 -6.87 -24.03 6.28
CA VAL B 70 -6.43 -22.71 6.72
C VAL B 70 -5.06 -22.72 7.40
N ARG B 71 -4.14 -21.89 6.92
CA ARG B 71 -2.84 -21.81 7.52
C ARG B 71 -2.74 -20.65 8.55
N LEU B 72 -3.55 -19.62 8.37
CA LEU B 72 -3.43 -18.45 9.22
C LEU B 72 -4.76 -17.81 9.46
N VAL B 73 -5.05 -17.48 10.72
CA VAL B 73 -6.26 -16.84 11.01
C VAL B 73 -5.94 -15.46 11.57
N TYR B 74 -6.68 -14.43 11.18
CA TYR B 74 -6.59 -13.14 11.80
C TYR B 74 -7.92 -13.02 12.50
N HIS B 75 -7.86 -12.97 13.83
CA HIS B 75 -9.09 -12.85 14.60
C HIS B 75 -9.37 -11.40 14.93
N LEU B 76 -10.28 -10.76 14.19
CA LEU B 76 -10.55 -9.31 14.32
C LEU B 76 -12.01 -9.03 14.69
N ALA B 77 -12.81 -10.08 14.77
CA ALA B 77 -14.25 -9.94 15.15
C ALA B 77 -14.30 -9.58 16.63
N SER B 78 -14.97 -8.52 17.00
CA SER B 78 -15.15 -8.17 18.40
C SER B 78 -16.33 -7.25 18.47
N HIS B 79 -16.99 -7.12 19.64
CA HIS B 79 -17.68 -5.83 19.97
C HIS B 79 -16.57 -4.87 20.42
N LYS B 80 -16.60 -3.59 20.00
CA LYS B 80 -15.36 -2.78 20.15
C LYS B 80 -15.51 -1.40 20.82
N SER B 81 -16.72 -1.06 21.28
CA SER B 81 -16.96 0.27 21.83
C SER B 81 -16.70 0.36 23.36
N VAL B 82 -15.78 1.26 23.74
CA VAL B 82 -15.49 1.50 25.14
C VAL B 82 -16.73 2.05 25.90
N PRO B 83 -17.30 3.20 25.43
CA PRO B 83 -18.42 3.76 26.24
C PRO B 83 -19.65 2.85 26.27
N ARG B 84 -19.97 2.20 25.15
CA ARG B 84 -21.12 1.29 25.15
C ARG B 84 -20.95 0.09 26.10
N SER B 85 -19.69 -0.31 26.34
CA SER B 85 -19.45 -1.49 27.18
C SER B 85 -19.91 -1.24 28.62
N PHE B 86 -19.98 0.01 29.05
CA PHE B 86 -20.56 0.32 30.39
C PHE B 86 -22.09 0.13 30.45
N LYS B 87 -22.76 0.12 29.30
CA LYS B 87 -24.20 -0.14 29.26
C LYS B 87 -24.71 -1.53 28.91
N GLN B 88 -23.90 -2.32 28.18
CA GLN B 88 -24.20 -3.72 27.89
C GLN B 88 -22.99 -4.57 28.28
N PRO B 89 -22.57 -4.54 29.56
CA PRO B 89 -21.29 -5.26 29.84
C PRO B 89 -21.38 -6.74 29.56
N LEU B 90 -22.56 -7.35 29.71
CA LEU B 90 -22.60 -8.80 29.55
C LEU B 90 -22.42 -9.19 28.09
N ASP B 91 -22.88 -8.36 27.16
CA ASP B 91 -22.65 -8.67 25.72
C ASP B 91 -21.17 -8.76 25.36
N TYR B 92 -20.32 -8.00 26.07
CA TYR B 92 -18.88 -8.10 25.84
C TYR B 92 -18.25 -9.45 26.19
N LEU B 93 -18.90 -10.27 27.02
CA LEU B 93 -18.38 -11.61 27.25
C LEU B 93 -18.31 -12.44 25.97
N ASP B 94 -19.13 -12.08 25.00
CA ASP B 94 -19.04 -12.72 23.65
C ASP B 94 -17.61 -12.70 23.10
N ASN B 95 -16.85 -11.64 23.39
CA ASN B 95 -15.47 -11.56 22.93
C ASN B 95 -14.59 -12.68 23.54
N VAL B 96 -14.84 -13.00 24.81
CA VAL B 96 -14.13 -14.14 25.44
C VAL B 96 -14.62 -15.45 24.88
N ASP B 97 -15.94 -15.63 24.81
CA ASP B 97 -16.45 -16.93 24.30
C ASP B 97 -15.90 -17.24 22.90
N SER B 98 -15.86 -16.22 22.05
CA SER B 98 -15.49 -16.40 20.63
C SER B 98 -14.07 -16.77 20.53
N GLY B 99 -13.20 -16.11 21.31
CA GLY B 99 -11.77 -16.47 21.22
C GLY B 99 -11.53 -17.88 21.77
N ARG B 100 -12.25 -18.25 22.84
CA ARG B 100 -12.07 -19.57 23.39
C ARG B 100 -12.46 -20.60 22.33
N HIS B 101 -13.61 -20.40 21.72
CA HIS B 101 -14.05 -21.30 20.67
C HIS B 101 -13.09 -21.36 19.49
N LEU B 102 -12.71 -20.20 18.99
CA LEU B 102 -11.81 -20.17 17.81
C LEU B 102 -10.50 -20.85 18.09
N LEU B 103 -9.88 -20.56 19.24
CA LEU B 103 -8.56 -21.13 19.49
C LEU B 103 -8.65 -22.65 19.77
N ALA B 104 -9.73 -23.09 20.43
CA ALA B 104 -9.93 -24.54 20.65
C ALA B 104 -10.03 -25.26 19.32
N LEU B 105 -10.81 -24.73 18.38
CA LEU B 105 -10.96 -25.37 17.04
C LEU B 105 -9.61 -25.36 16.28
N CYS B 106 -8.89 -24.25 16.34
CA CYS B 106 -7.58 -24.21 15.67
C CYS B 106 -6.62 -25.24 16.21
N THR B 107 -6.64 -25.47 17.50
CA THR B 107 -5.80 -26.48 18.11
C THR B 107 -6.27 -27.88 17.68
N SER B 108 -7.58 -28.15 17.69
CA SER B 108 -8.00 -29.52 17.33
C SER B 108 -7.74 -29.81 15.86
N VAL B 109 -7.83 -28.81 14.98
CA VAL B 109 -7.57 -28.99 13.53
C VAL B 109 -6.07 -28.90 13.20
N GLY B 110 -5.28 -28.26 14.07
CA GLY B 110 -3.86 -28.03 13.74
C GLY B 110 -3.54 -26.80 12.87
N VAL B 111 -4.30 -25.70 13.01
CA VAL B 111 -4.04 -24.47 12.23
C VAL B 111 -2.67 -23.92 12.71
N PRO B 112 -1.74 -23.62 11.79
CA PRO B 112 -0.36 -23.24 12.18
C PRO B 112 -0.28 -21.94 12.98
N LYS B 113 -1.06 -20.92 12.61
CA LYS B 113 -0.89 -19.61 13.23
C LYS B 113 -2.19 -18.86 13.36
N VAL B 114 -2.28 -18.12 14.46
CA VAL B 114 -3.43 -17.26 14.71
C VAL B 114 -2.89 -15.94 15.26
N VAL B 115 -3.30 -14.85 14.63
CA VAL B 115 -3.11 -13.49 15.12
C VAL B 115 -4.34 -13.07 15.80
N VAL B 116 -4.22 -12.78 17.08
CA VAL B 116 -5.40 -12.30 17.87
C VAL B 116 -5.43 -10.80 18.02
N GLY B 117 -6.55 -10.21 17.62
CA GLY B 117 -6.72 -8.76 17.77
C GLY B 117 -7.01 -8.36 19.19
N SER B 118 -6.15 -7.53 19.76
CA SER B 118 -6.41 -6.96 21.09
C SER B 118 -6.21 -5.45 20.97
N THR B 119 -5.94 -4.78 22.08
CA THR B 119 -6.05 -3.36 22.10
C THR B 119 -5.22 -2.76 23.23
N CYS B 120 -4.71 -1.57 23.01
CA CYS B 120 -4.02 -0.81 24.06
C CYS B 120 -4.90 -0.57 25.30
N GLU B 121 -6.20 -0.70 25.15
CA GLU B 121 -7.14 -0.45 26.31
C GLU B 121 -6.86 -1.43 27.42
N VAL B 122 -6.22 -2.56 27.10
CA VAL B 122 -5.88 -3.51 28.19
C VAL B 122 -4.86 -2.90 29.20
N TYR B 123 -4.12 -1.88 28.77
CA TYR B 123 -3.14 -1.26 29.70
C TYR B 123 -3.76 -0.31 30.66
N GLY B 124 -5.00 0.09 30.40
CA GLY B 124 -5.62 1.18 31.17
C GLY B 124 -4.76 2.47 31.04
N GLN B 125 -4.65 3.28 32.10
CA GLN B 125 -3.61 4.32 32.07
C GLN B 125 -2.25 3.71 32.48
N ALA B 126 -1.39 3.48 31.51
CA ALA B 126 -0.16 2.79 31.83
C ALA B 126 0.76 3.72 32.65
N ASP B 127 1.65 3.12 33.45
CA ASP B 127 2.57 3.95 34.23
C ASP B 127 3.85 4.25 33.49
N THR B 128 4.03 3.58 32.33
CA THR B 128 5.20 3.80 31.46
C THR B 128 4.68 4.29 30.08
N LEU B 129 5.13 5.50 29.68
CA LEU B 129 4.83 6.04 28.36
C LEU B 129 6.14 6.46 27.68
N PRO B 130 6.39 6.01 26.44
CA PRO B 130 5.60 5.04 25.66
C PRO B 130 5.52 3.68 26.35
N THR B 131 4.42 2.95 26.09
CA THR B 131 4.09 1.69 26.79
C THR B 131 4.67 0.41 26.17
N PRO B 132 5.54 -0.29 26.88
CA PRO B 132 6.11 -1.54 26.35
C PRO B 132 5.12 -2.69 26.61
N GLU B 133 5.26 -3.72 25.82
CA GLU B 133 4.36 -4.87 25.87
C GLU B 133 4.36 -5.58 27.21
N ASP B 134 5.47 -5.53 27.96
CA ASP B 134 5.45 -6.20 29.30
C ASP B 134 4.76 -5.44 30.44
N SER B 135 4.02 -4.39 30.09
CA SER B 135 3.31 -3.59 31.07
C SER B 135 2.12 -4.34 31.59
N PRO B 136 1.72 -4.07 32.87
CA PRO B 136 0.65 -4.89 33.45
C PRO B 136 -0.69 -4.44 32.91
N LEU B 137 -1.74 -5.21 33.18
CA LEU B 137 -3.07 -4.92 32.69
C LEU B 137 -3.93 -4.21 33.71
N SER B 138 -4.60 -3.17 33.26
CA SER B 138 -5.44 -2.36 34.14
C SER B 138 -6.69 -1.97 33.36
N PRO B 139 -7.55 -2.96 33.03
CA PRO B 139 -8.71 -2.57 32.23
C PRO B 139 -9.68 -1.67 32.92
N ARG B 140 -10.09 -0.60 32.28
CA ARG B 140 -10.94 0.40 32.99
C ARG B 140 -12.40 0.34 32.51
N SER B 141 -12.71 -0.49 31.54
CA SER B 141 -14.10 -0.65 31.04
C SER B 141 -14.46 -2.13 30.83
N PRO B 142 -15.76 -2.45 30.79
CA PRO B 142 -16.14 -3.85 30.46
C PRO B 142 -15.56 -4.29 29.09
N TYR B 143 -15.48 -3.38 28.13
CA TYR B 143 -14.82 -3.76 26.84
C TYR B 143 -13.32 -4.16 27.06
N ALA B 144 -12.55 -3.27 27.67
CA ALA B 144 -11.16 -3.58 28.00
C ALA B 144 -11.02 -4.90 28.78
N ALA B 145 -11.93 -5.16 29.71
CA ALA B 145 -11.88 -6.41 30.52
C ALA B 145 -12.09 -7.62 29.62
N SER B 146 -13.04 -7.50 28.68
CA SER B 146 -13.29 -8.63 27.73
C SER B 146 -12.07 -8.89 26.89
N LYS B 147 -11.31 -7.82 26.58
CA LYS B 147 -10.14 -8.04 25.77
C LYS B 147 -9.00 -8.64 26.60
N VAL B 148 -8.88 -8.24 27.89
CA VAL B 148 -7.98 -8.96 28.81
C VAL B 148 -8.34 -10.46 28.92
N GLY B 149 -9.63 -10.76 29.05
CA GLY B 149 -10.05 -12.21 29.07
C GLY B 149 -9.66 -12.96 27.78
N LEU B 150 -9.87 -12.31 26.62
CA LEU B 150 -9.36 -12.86 25.31
C LEU B 150 -7.88 -13.10 25.33
N GLU B 151 -7.10 -12.13 25.89
CA GLU B 151 -5.62 -12.31 25.99
C GLU B 151 -5.27 -13.47 26.93
N MET B 152 -6.02 -13.63 28.04
CA MET B 152 -5.77 -14.74 28.94
C MET B 152 -5.96 -16.09 28.26
N VAL B 153 -7.04 -16.18 27.47
CA VAL B 153 -7.27 -17.39 26.63
C VAL B 153 -6.16 -17.62 25.66
N ALA B 154 -5.78 -16.56 24.93
CA ALA B 154 -4.68 -16.68 23.98
C ALA B 154 -3.40 -17.12 24.67
N GLY B 155 -3.10 -16.53 25.84
CA GLY B 155 -1.83 -16.82 26.59
C GLY B 155 -1.74 -18.29 26.99
N ALA B 156 -2.87 -18.90 27.35
CA ALA B 156 -2.89 -20.35 27.58
C ALA B 156 -2.45 -21.15 26.35
N HIS B 157 -2.89 -20.79 25.15
CA HIS B 157 -2.51 -21.47 23.93
C HIS B 157 -1.04 -21.18 23.61
N GLN B 158 -0.57 -19.98 23.93
CA GLN B 158 0.87 -19.66 23.68
C GLN B 158 1.80 -20.54 24.49
N ARG B 159 1.42 -20.81 25.76
CA ARG B 159 2.20 -21.70 26.66
C ARG B 159 2.10 -23.16 26.30
N ALA B 160 1.07 -23.58 25.56
CA ALA B 160 0.87 -24.99 25.29
C ALA B 160 1.84 -25.37 24.12
N SER B 161 2.41 -26.54 24.19
CA SER B 161 3.37 -26.95 23.17
C SER B 161 2.66 -27.62 22.02
N VAL B 162 1.74 -26.90 21.39
CA VAL B 162 0.94 -27.43 20.27
C VAL B 162 0.46 -26.25 19.42
N ALA B 163 0.27 -26.47 18.11
CA ALA B 163 -0.36 -25.50 17.21
C ALA B 163 -1.76 -25.07 17.74
N PRO B 164 -2.19 -23.83 17.47
CA PRO B 164 -1.46 -22.81 16.72
C PRO B 164 -0.35 -22.04 17.48
N GLU B 165 0.59 -21.49 16.71
CA GLU B 165 1.38 -20.33 17.15
C GLU B 165 0.43 -19.14 17.25
N VAL B 166 0.39 -18.54 18.44
CA VAL B 166 -0.55 -17.46 18.68
C VAL B 166 0.18 -16.15 18.94
N GLY B 167 -0.19 -15.09 18.22
CA GLY B 167 0.41 -13.76 18.44
C GLY B 167 -0.68 -12.75 18.74
N ILE B 168 -0.50 -11.99 19.80
CA ILE B 168 -1.47 -11.00 20.17
C ILE B 168 -0.98 -9.67 19.61
N VAL B 169 -1.86 -8.92 18.92
CA VAL B 169 -1.54 -7.56 18.44
C VAL B 169 -2.39 -6.62 19.28
N ARG B 170 -1.73 -5.70 19.99
CA ARG B 170 -2.46 -4.65 20.72
C ARG B 170 -2.50 -3.39 19.86
N PHE B 171 -3.61 -3.22 19.14
CA PHE B 171 -3.79 -2.05 18.31
C PHE B 171 -4.01 -0.82 19.16
N PHE B 172 -3.39 0.28 18.76
CA PHE B 172 -3.73 1.57 19.32
C PHE B 172 -4.78 2.14 18.38
N ASN B 173 -5.06 3.41 18.41
CA ASN B 173 -6.21 3.92 17.65
C ASN B 173 -5.94 3.82 16.16
N VAL B 174 -6.79 3.10 15.46
CA VAL B 174 -6.69 2.99 14.01
C VAL B 174 -7.82 3.79 13.39
N TYR B 175 -7.49 4.63 12.41
CA TYR B 175 -8.49 5.43 11.74
C TYR B 175 -8.35 5.45 10.21
N GLY B 176 -9.42 5.87 9.55
CA GLY B 176 -9.31 6.09 8.09
C GLY B 176 -10.64 5.80 7.46
N PRO B 177 -10.69 5.84 6.12
CA PRO B 177 -11.86 5.52 5.32
C PRO B 177 -12.45 4.15 5.72
N GLY B 178 -13.77 4.08 5.84
CA GLY B 178 -14.46 2.84 6.14
C GLY B 178 -14.74 2.59 7.61
N GLU B 179 -14.15 3.39 8.50
CA GLU B 179 -14.40 3.24 9.91
C GLU B 179 -15.77 3.88 10.27
N ARG B 180 -16.61 3.16 11.00
CA ARG B 180 -17.89 3.67 11.43
C ARG B 180 -17.76 4.91 12.32
N PRO B 181 -18.74 5.82 12.26
CA PRO B 181 -18.50 7.12 12.91
C PRO B 181 -18.79 7.17 14.41
N ASP B 182 -18.55 6.08 15.14
CA ASP B 182 -18.61 6.21 16.60
C ASP B 182 -17.17 6.48 17.11
N ALA B 183 -16.17 6.13 16.29
CA ALA B 183 -14.76 6.50 16.63
C ALA B 183 -14.48 8.00 16.35
N LEU B 184 -13.48 8.59 17.02
CA LEU B 184 -13.22 10.06 16.97
C LEU B 184 -13.11 10.67 15.58
N VAL B 185 -12.22 10.15 14.73
CA VAL B 185 -12.00 10.81 13.47
C VAL B 185 -13.24 10.74 12.55
N PRO B 186 -13.78 9.53 12.29
CA PRO B 186 -14.98 9.56 11.45
C PRO B 186 -16.15 10.30 12.14
N ARG B 187 -16.24 10.22 13.45
CA ARG B 187 -17.33 10.94 14.14
C ARG B 187 -17.21 12.44 13.93
N LEU B 188 -15.98 12.96 14.00
CA LEU B 188 -15.74 14.37 13.77
C LEU B 188 -16.07 14.73 12.34
N CYS B 189 -15.66 13.88 11.38
CA CYS B 189 -15.97 14.11 9.97
C CYS B 189 -17.46 14.11 9.71
N ALA B 190 -18.15 13.07 10.18
CA ALA B 190 -19.60 12.97 9.95
C ALA B 190 -20.35 14.14 10.61
N ASN B 191 -19.86 14.59 11.74
CA ASN B 191 -20.48 15.73 12.41
C ASN B 191 -20.12 17.04 11.76
N LEU B 192 -18.90 17.11 11.23
CA LEU B 192 -18.45 18.31 10.52
C LEU B 192 -19.34 18.55 9.30
N LEU B 193 -19.65 17.46 8.60
CA LEU B 193 -20.43 17.48 7.37
C LEU B 193 -21.94 17.67 7.52
N THR B 194 -22.54 17.10 8.54
CA THR B 194 -23.99 17.18 8.69
C THR B 194 -24.45 18.24 9.68
N ARG B 195 -23.53 18.68 10.53
CA ARG B 195 -23.86 19.56 11.61
C ARG B 195 -22.94 20.75 11.82
N ASN B 196 -21.88 20.83 11.03
CA ASN B 196 -20.87 21.88 11.23
C ASN B 196 -20.46 21.98 12.68
N GLU B 197 -20.31 20.81 13.29
CA GLU B 197 -19.94 20.68 14.69
C GLU B 197 -18.78 19.67 14.88
N LEU B 198 -17.96 19.93 15.90
CA LEU B 198 -16.83 19.06 16.26
C LEU B 198 -16.94 18.63 17.75
N PRO B 199 -17.68 17.52 18.02
CA PRO B 199 -17.99 17.16 19.41
C PRO B 199 -16.73 16.83 20.18
N VAL B 200 -16.59 17.42 21.36
CA VAL B 200 -15.48 17.11 22.24
C VAL B 200 -15.99 16.64 23.60
N GLU B 201 -15.63 15.39 23.93
CA GLU B 201 -16.03 14.79 25.18
C GLU B 201 -15.03 15.20 26.29
N GLY B 202 -15.51 15.98 27.26
CA GLY B 202 -14.61 16.46 28.32
C GLY B 202 -13.77 17.61 27.80
N ASP B 203 -12.57 17.80 28.37
CA ASP B 203 -11.75 18.98 28.00
C ASP B 203 -10.94 18.83 26.70
N GLY B 204 -10.93 17.65 26.09
CA GLY B 204 -10.14 17.46 24.85
C GLY B 204 -8.62 17.32 24.99
N GLU B 205 -8.16 17.36 26.23
CA GLU B 205 -6.73 17.23 26.53
C GLU B 205 -6.25 15.77 26.54
N GLN B 206 -7.21 14.83 26.51
CA GLN B 206 -6.87 13.41 26.57
C GLN B 206 -6.12 13.08 25.27
N ARG B 207 -5.19 12.13 25.34
CA ARG B 207 -4.30 11.81 24.18
C ARG B 207 -4.38 10.35 23.73
N ARG B 208 -4.18 10.13 22.43
CA ARG B 208 -4.26 8.78 21.84
C ARG B 208 -3.13 8.72 20.85
N ASP B 209 -2.76 7.50 20.52
CA ASP B 209 -1.75 7.19 19.54
C ASP B 209 -2.57 6.74 18.29
N PHE B 210 -2.54 7.57 17.23
CA PHE B 210 -3.30 7.29 16.03
C PHE B 210 -2.41 6.68 14.96
N THR B 211 -2.95 5.68 14.24
CA THR B 211 -2.28 5.15 13.03
C THR B 211 -3.29 5.00 11.90
N TYR B 212 -2.88 5.46 10.71
CA TYR B 212 -3.72 5.33 9.51
C TYR B 212 -3.91 3.92 9.07
N ILE B 213 -5.13 3.60 8.63
CA ILE B 213 -5.49 2.20 8.30
C ILE B 213 -4.47 1.49 7.35
N THR B 214 -3.98 2.18 6.32
CA THR B 214 -3.14 1.48 5.31
C THR B 214 -1.82 1.02 5.95
N ASP B 215 -1.30 1.81 6.91
CA ASP B 215 -0.05 1.44 7.61
C ASP B 215 -0.31 0.24 8.55
N VAL B 216 -1.48 0.20 9.19
CA VAL B 216 -1.81 -0.93 10.08
C VAL B 216 -1.97 -2.19 9.23
N VAL B 217 -2.55 -2.05 8.04
CA VAL B 217 -2.78 -3.24 7.18
C VAL B 217 -1.45 -3.76 6.69
N ASP B 218 -0.57 -2.86 6.33
CA ASP B 218 0.78 -3.21 5.86
C ASP B 218 1.49 -4.05 6.93
N LYS B 219 1.35 -3.63 8.20
CA LYS B 219 2.04 -4.31 9.33
C LYS B 219 1.38 -5.68 9.57
N LEU B 220 0.07 -5.74 9.50
CA LEU B 220 -0.67 -7.03 9.64
C LEU B 220 -0.29 -8.04 8.56
N VAL B 221 -0.13 -7.54 7.33
CA VAL B 221 0.30 -8.41 6.19
C VAL B 221 1.69 -8.93 6.48
N ALA B 222 2.55 -8.05 6.98
CA ALA B 222 3.95 -8.42 7.24
C ALA B 222 4.04 -9.61 8.22
N LEU B 223 3.04 -9.77 9.09
CA LEU B 223 2.99 -10.90 10.02
C LEU B 223 2.69 -12.24 9.36
N ALA B 224 1.98 -12.20 8.22
CA ALA B 224 1.55 -13.44 7.55
C ALA B 224 2.67 -14.47 7.40
N ASN B 225 3.87 -13.96 7.13
CA ASN B 225 4.99 -14.83 6.75
C ASN B 225 6.25 -14.67 7.60
N ARG B 226 6.08 -14.35 8.87
CA ARG B 226 7.16 -14.30 9.84
C ARG B 226 6.66 -15.02 11.09
N PRO B 227 7.56 -15.51 11.94
CA PRO B 227 7.09 -16.03 13.26
C PRO B 227 6.41 -14.91 14.04
N LEU B 228 5.36 -15.24 14.77
CA LEU B 228 4.57 -14.26 15.47
C LEU B 228 5.20 -13.98 16.80
N PRO B 229 5.33 -12.70 17.21
CA PRO B 229 5.64 -12.40 18.64
C PRO B 229 4.46 -12.75 19.52
N SER B 230 4.70 -13.10 20.79
CA SER B 230 3.57 -13.45 21.63
C SER B 230 2.67 -12.25 21.85
N VAL B 231 3.25 -11.04 21.98
CA VAL B 231 2.46 -9.81 22.04
C VAL B 231 3.23 -8.64 21.36
N VAL B 232 2.57 -7.85 20.53
CA VAL B 232 3.20 -6.69 19.90
C VAL B 232 2.22 -5.53 19.83
N ASN B 233 2.69 -4.35 20.25
CA ASN B 233 1.94 -3.09 20.08
C ASN B 233 1.91 -2.73 18.60
N PHE B 234 0.75 -2.36 18.09
CA PHE B 234 0.60 -1.71 16.76
C PHE B 234 0.14 -0.28 17.00
N GLY B 235 1.09 0.64 17.06
CA GLY B 235 0.79 2.05 17.21
C GLY B 235 1.86 2.85 16.46
N SER B 236 1.69 4.17 16.42
CA SER B 236 2.70 5.01 15.77
C SER B 236 3.84 5.37 16.69
N GLY B 237 3.66 5.30 18.01
CA GLY B 237 4.71 5.73 18.94
C GLY B 237 4.64 7.22 19.30
N GLN B 238 3.66 7.93 18.74
CA GLN B 238 3.40 9.32 19.17
C GLN B 238 1.93 9.48 19.54
N SER B 239 1.63 10.32 20.51
CA SER B 239 0.25 10.66 20.87
C SER B 239 -0.17 12.09 20.54
N LEU B 240 -1.47 12.30 20.41
CA LEU B 240 -2.02 13.61 20.11
C LEU B 240 -3.27 13.81 20.95
N SER B 241 -3.49 15.03 21.42
CA SER B 241 -4.72 15.32 22.14
C SER B 241 -5.87 15.27 21.17
N VAL B 242 -7.07 15.11 21.73
CA VAL B 242 -8.30 15.30 20.96
C VAL B 242 -8.34 16.75 20.40
N ASN B 243 -7.85 17.72 21.17
CA ASN B 243 -7.80 19.14 20.72
C ASN B 243 -6.88 19.36 19.52
N ASP B 244 -5.82 18.56 19.42
CA ASP B 244 -4.88 18.62 18.29
C ASP B 244 -5.57 18.15 17.00
N VAL B 245 -6.34 17.07 17.09
CA VAL B 245 -7.17 16.63 15.97
C VAL B 245 -8.22 17.67 15.61
N ILE B 246 -8.89 18.23 16.63
CA ILE B 246 -9.93 19.22 16.37
C ILE B 246 -9.31 20.35 15.58
N ARG B 247 -8.17 20.84 16.06
CA ARG B 247 -7.42 21.92 15.42
C ARG B 247 -7.15 21.63 13.97
N ILE B 248 -6.65 20.44 13.67
CA ILE B 248 -6.33 20.05 12.29
C ILE B 248 -7.56 20.20 11.40
N LEU B 249 -8.73 19.82 11.93
CA LEU B 249 -9.97 19.92 11.17
C LEU B 249 -10.49 21.36 11.01
N GLN B 250 -10.27 22.19 12.03
CA GLN B 250 -10.67 23.62 11.94
C GLN B 250 -9.76 24.40 10.99
N ALA B 251 -8.56 23.88 10.76
CA ALA B 251 -7.67 24.42 9.74
C ALA B 251 -8.32 24.23 8.37
N THR B 252 -9.20 23.23 8.28
CA THR B 252 -9.90 22.88 7.05
C THR B 252 -11.26 23.55 6.98
N SER B 253 -11.91 23.70 8.13
CA SER B 253 -13.26 24.22 8.18
C SER B 253 -13.38 25.24 9.33
N PRO B 254 -12.79 26.45 9.13
CA PRO B 254 -12.79 27.51 10.15
C PRO B 254 -14.14 27.84 10.81
N ALA B 255 -15.25 27.58 10.11
CA ALA B 255 -16.61 27.92 10.60
C ALA B 255 -17.16 26.88 11.59
N ALA B 256 -16.45 25.76 11.71
CA ALA B 256 -16.84 24.67 12.59
C ALA B 256 -16.89 25.14 14.03
N GLU B 257 -17.92 24.74 14.77
CA GLU B 257 -17.80 24.85 16.21
C GLU B 257 -17.79 23.61 17.02
N VAL B 258 -17.14 23.77 18.15
CA VAL B 258 -16.80 22.66 19.01
C VAL B 258 -17.95 22.52 19.99
N ALA B 259 -18.61 21.36 19.99
CA ALA B 259 -19.73 21.13 20.89
C ALA B 259 -19.25 20.34 22.07
N ARG B 260 -19.14 21.02 23.21
CA ARG B 260 -18.71 20.31 24.45
C ARG B 260 -19.70 19.27 24.83
N LYS B 261 -19.15 18.10 25.16
CA LYS B 261 -19.86 16.94 25.66
C LYS B 261 -19.29 16.58 27.01
N GLN B 262 -20.02 15.76 27.77
CA GLN B 262 -19.52 15.20 29.05
C GLN B 262 -18.41 14.25 28.75
N PRO B 263 -17.44 14.23 29.65
CA PRO B 263 -16.30 13.37 29.56
C PRO B 263 -16.75 11.97 29.77
N ARG B 264 -15.96 11.03 29.28
CA ARG B 264 -16.23 9.66 29.49
C ARG B 264 -15.94 9.28 30.94
N PRO B 265 -16.60 8.24 31.42
CA PRO B 265 -16.23 7.67 32.71
C PRO B 265 -14.85 6.98 32.61
N ASN B 266 -14.11 6.97 33.71
CA ASN B 266 -12.84 6.21 33.73
C ASN B 266 -11.93 6.53 32.53
N GLU B 267 -11.83 7.83 32.22
CA GLU B 267 -11.14 8.29 31.03
C GLU B 267 -9.66 8.03 31.14
N ILE B 268 -9.04 7.70 30.01
CA ILE B 268 -7.61 7.50 30.00
C ILE B 268 -6.94 8.79 29.50
N THR B 269 -5.98 9.31 30.27
CA THR B 269 -5.31 10.58 29.91
C THR B 269 -4.41 10.43 28.68
N GLU B 270 -3.61 9.35 28.62
CA GLU B 270 -2.74 9.08 27.44
C GLU B 270 -2.49 7.58 27.12
N PHE B 271 -2.68 7.19 25.84
CA PHE B 271 -2.13 5.98 25.31
C PHE B 271 -1.01 6.39 24.36
N ARG B 272 0.12 5.64 24.42
CA ARG B 272 1.22 5.82 23.54
C ARG B 272 2.00 4.53 23.44
N ALA B 273 2.11 4.00 22.21
CA ALA B 273 2.84 2.76 22.04
C ALA B 273 4.33 2.91 22.13
N ASP B 274 4.98 1.99 22.83
CA ASP B 274 6.42 1.72 22.57
C ASP B 274 6.54 0.82 21.33
N THR B 275 7.24 1.30 20.31
CA THR B 275 7.26 0.58 19.02
C THR B 275 8.54 -0.24 18.81
N ALA B 276 9.35 -0.39 19.86
CA ALA B 276 10.70 -0.99 19.68
C ALA B 276 10.54 -2.44 19.21
N LEU B 277 9.66 -3.18 19.90
CA LEU B 277 9.35 -4.54 19.47
C LEU B 277 8.74 -4.58 18.06
N GLN B 278 7.71 -3.79 17.81
CA GLN B 278 7.16 -3.68 16.44
C GLN B 278 8.24 -3.40 15.39
N THR B 279 9.07 -2.39 15.64
CA THR B 279 10.24 -2.12 14.78
C THR B 279 11.14 -3.33 14.57
N ARG B 280 11.47 -4.03 15.64
CA ARG B 280 12.39 -5.16 15.53
C ARG B 280 11.77 -6.36 14.85
N GLN B 281 10.51 -6.64 15.13
CA GLN B 281 9.93 -7.84 14.57
C GLN B 281 9.44 -7.68 13.12
N ILE B 282 8.98 -6.48 12.75
CA ILE B 282 8.48 -6.25 11.39
C ILE B 282 9.16 -5.04 10.74
N GLY B 283 10.26 -4.61 11.36
CA GLY B 283 11.03 -3.46 10.93
C GLY B 283 10.08 -2.36 10.55
N GLU B 284 10.23 -1.93 9.30
CA GLU B 284 9.34 -0.99 8.65
C GLU B 284 9.76 -0.75 7.24
N GLY B 287 6.79 5.16 3.81
CA GLY B 287 7.10 5.55 5.14
C GLY B 287 6.00 6.13 6.01
N GLY B 288 4.76 5.62 5.94
CA GLY B 288 3.70 5.95 6.92
C GLY B 288 2.93 7.19 6.56
N ILE B 289 1.65 7.23 6.88
CA ILE B 289 0.78 8.36 6.60
C ILE B 289 0.66 9.20 7.86
N GLY B 290 1.11 10.44 7.78
CA GLY B 290 1.02 11.34 8.92
C GLY B 290 -0.39 11.78 9.23
N ILE B 291 -0.55 12.38 10.42
CA ILE B 291 -1.90 12.66 10.92
C ILE B 291 -2.65 13.67 10.05
N GLU B 292 -1.96 14.73 9.61
CA GLU B 292 -2.52 15.72 8.71
C GLU B 292 -3.12 15.08 7.44
N GLU B 293 -2.31 14.31 6.73
CA GLU B 293 -2.71 13.63 5.52
C GLU B 293 -3.82 12.60 5.77
N GLY B 294 -3.67 11.82 6.84
CA GLY B 294 -4.66 10.78 7.15
C GLY B 294 -6.02 11.40 7.43
N ILE B 295 -6.05 12.47 8.23
CA ILE B 295 -7.31 13.15 8.48
C ILE B 295 -7.96 13.66 7.16
N ARG B 296 -7.15 14.30 6.30
CA ARG B 296 -7.59 14.79 5.01
C ARG B 296 -8.22 13.67 4.18
N LEU B 297 -7.54 12.51 4.11
CA LEU B 297 -8.00 11.38 3.30
C LEU B 297 -9.33 10.85 3.87
N THR B 298 -9.38 10.80 5.19
CA THR B 298 -10.60 10.38 5.89
C THR B 298 -11.75 11.33 5.57
N LEU B 299 -11.51 12.64 5.78
CA LEU B 299 -12.50 13.65 5.45
C LEU B 299 -12.98 13.62 4.02
N GLU B 300 -12.04 13.50 3.07
CA GLU B 300 -12.36 13.36 1.64
C GLU B 300 -13.27 12.19 1.33
N TRP B 301 -13.07 11.10 2.06
CA TRP B 301 -13.85 9.90 1.86
C TRP B 301 -15.28 10.16 2.39
N TRP B 302 -15.35 10.77 3.56
CA TRP B 302 -16.64 11.21 4.08
C TRP B 302 -17.35 12.16 3.11
N GLN B 303 -16.58 13.04 2.44
CA GLN B 303 -17.10 13.94 1.42
C GLN B 303 -17.71 13.27 0.19
N SER B 304 -17.24 12.06 -0.13
CA SER B 304 -17.76 11.30 -1.28
C SER B 304 -19.03 10.47 -0.94
N ARG B 305 -19.43 10.46 0.35
CA ARG B 305 -20.63 9.76 0.77
C ARG B 305 -21.90 10.61 0.57
N ASP B 306 -22.97 9.98 0.18
CA ASP B 306 -24.18 10.77 0.04
C ASP B 306 -24.72 11.22 1.45
N LEU B 307 -25.23 12.43 1.51
CA LEU B 307 -25.59 13.09 2.78
C LEU B 307 -26.43 12.27 3.78
N ASP B 308 -27.43 11.61 3.19
CA ASP B 308 -28.41 10.82 3.94
C ASP B 308 -27.72 9.67 4.63
N ASP B 309 -26.82 9.03 3.91
CA ASP B 309 -25.95 8.01 4.47
C ASP B 309 -24.78 8.74 5.09
N ILE B 310 -24.77 8.83 6.41
CA ILE B 310 -23.71 9.53 7.11
C ILE B 310 -24.04 9.67 8.60
C1' UD1 C . 16.00 2.10 -17.20
C2' UD1 C . 14.79 1.31 -17.75
C3' UD1 C . 14.19 1.97 -18.99
C4' UD1 C . 13.90 3.45 -18.67
C5' UD1 C . 15.10 4.14 -17.99
C6' UD1 C . 14.83 5.57 -17.56
C7' UD1 C . 15.07 -1.09 -17.41
C8' UD1 C . 15.72 -2.32 -17.95
N2' UD1 C . 15.28 0.01 -18.16
O1' UD1 C . 17.00 2.22 -18.26
O3' UD1 C . 13.01 1.23 -19.46
O4' UD1 C . 13.57 4.12 -19.88
O5' UD1 C . 15.60 3.42 -16.84
O6' UD1 C . 16.18 6.10 -17.45
O7' UD1 C . 14.39 -1.06 -16.37
N1 UD1 C . 24.52 -1.23 -15.64
C2 UD1 C . 25.68 -1.81 -15.02
N3 UD1 C . 25.63 -3.10 -14.61
C4 UD1 C . 24.50 -3.80 -14.75
C5 UD1 C . 23.33 -3.26 -15.31
C6 UD1 C . 23.36 -1.95 -15.75
O2 UD1 C . 26.74 -1.13 -14.86
O4 UD1 C . 24.45 -4.97 -14.36
C1B UD1 C . 24.53 0.19 -16.05
C2B UD1 C . 24.02 0.58 -17.42
O2' UD1 C . 25.09 0.62 -18.36
C3B UD1 C . 23.42 1.98 -17.23
C4B UD1 C . 23.03 2.01 -15.76
O4B UD1 C . 23.68 0.89 -15.12
O3B UD1 C . 24.42 2.97 -17.46
C5B UD1 C . 21.53 1.82 -15.59
O5B UD1 C . 21.11 0.81 -16.50
PA UD1 C . 19.66 0.09 -16.40
O1A UD1 C . 19.50 -0.33 -14.97
O2A UD1 C . 19.56 -0.94 -17.47
O3A UD1 C . 18.57 1.21 -16.74
PB UD1 C . 18.55 2.27 -17.98
O1B UD1 C . 19.00 3.56 -17.34
O2B UD1 C . 19.23 1.76 -19.23
PA NAD D . 7.92 -4.49 -17.08
O1A NAD D . 8.70 -5.18 -18.18
O2A NAD D . 8.21 -5.12 -15.80
O5B NAD D . 6.35 -4.39 -17.40
C5B NAD D . 5.83 -4.13 -18.67
C4B NAD D . 4.79 -5.23 -18.92
O4B NAD D . 4.21 -4.99 -20.20
C3B NAD D . 5.32 -6.65 -18.93
O3B NAD D . 4.72 -7.53 -17.96
C2B NAD D . 5.12 -7.14 -20.39
O2B NAD D . 4.80 -8.51 -20.53
C1B NAD D . 3.99 -6.28 -20.84
N9A NAD D . 3.97 -5.81 -22.21
C8A NAD D . 4.95 -5.16 -22.91
N7A NAD D . 4.44 -4.81 -24.12
C5A NAD D . 3.12 -5.18 -24.14
C6A NAD D . 2.10 -5.06 -25.11
N6A NAD D . 2.25 -4.28 -26.20
N1A NAD D . 0.87 -5.60 -24.81
C2A NAD D . 0.62 -6.24 -23.61
N3A NAD D . 1.62 -6.37 -22.67
C4A NAD D . 2.83 -5.81 -22.95
O3 NAD D . 8.45 -2.97 -17.14
PN NAD D . 8.32 -1.90 -15.98
O1N NAD D . 9.69 -1.72 -15.41
O2N NAD D . 7.20 -2.27 -15.14
O5D NAD D . 7.97 -0.65 -16.87
C5D NAD D . 6.60 -0.18 -17.03
C4D NAD D . 6.56 1.13 -17.84
O4D NAD D . 7.42 2.10 -17.24
C3D NAD D . 7.01 1.09 -19.31
O3D NAD D . 6.18 2.09 -20.02
C2D NAD D . 8.45 1.50 -19.21
O2D NAD D . 8.95 1.98 -20.41
C1D NAD D . 8.35 2.63 -18.19
N1N NAD D . 9.58 2.95 -17.45
C2N NAD D . 10.04 2.10 -16.47
C3N NAD D . 11.19 2.44 -15.78
C7N NAD D . 11.86 1.53 -14.82
O7N NAD D . 13.07 1.72 -14.17
N7N NAD D . 11.35 0.42 -14.59
C4N NAD D . 11.82 3.65 -16.04
C5N NAD D . 11.39 4.49 -17.04
C6N NAD D . 10.27 4.12 -17.79
C1' UD1 E . -10.88 3.05 20.07
C2' UD1 E . -11.61 1.80 19.57
C3' UD1 E . -11.43 0.61 20.52
C4' UD1 E . -9.94 0.39 20.80
C5' UD1 E . -9.26 1.72 21.16
C6' UD1 E . -7.79 1.63 21.38
C7' UD1 E . -13.65 2.42 18.34
C8' UD1 E . -15.09 2.84 18.50
N2' UD1 E . -13.04 2.10 19.49
O1' UD1 E . -11.40 3.40 21.38
O3' UD1 E . -12.05 -0.61 19.99
O4' UD1 E . -9.83 -0.51 21.90
O5' UD1 E . -9.48 2.74 20.14
O6' UD1 E . -7.52 2.85 22.14
O7' UD1 E . -13.10 2.42 17.25
N1 UD1 E . -14.12 11.59 21.41
C2 UD1 E . -14.51 12.94 21.18
N3 UD1 E . -15.44 13.23 20.25
C4 UD1 E . -15.98 12.24 19.53
C5 UD1 E . -15.62 10.91 19.72
C6 UD1 E . -14.65 10.59 20.65
O2 UD1 E . -14.02 13.89 21.86
O4 UD1 E . -16.83 12.53 18.66
C1B UD1 E . -13.04 11.31 22.40
C2B UD1 E . -13.28 10.16 23.38
O2' UD1 E . -13.96 10.72 24.53
C3B UD1 E . -11.90 9.59 23.61
C4B UD1 E . -11.10 9.89 22.31
O4B UD1 E . -11.85 10.95 21.64
O3B UD1 E . -11.20 10.15 24.73
C5B UD1 E . -11.05 8.70 21.36
O5B UD1 E . -12.34 8.05 21.40
PA UD1 E . -12.77 6.94 20.33
O1A UD1 E . -12.41 7.34 18.93
O2A UD1 E . -14.15 6.45 20.67
O3A UD1 E . -11.72 5.73 20.60
PB UD1 E . -11.38 4.90 21.96
O1B UD1 E . -9.94 5.26 22.29
O2B UD1 E . -12.47 5.10 23.04
PA NAD F . -15.43 -3.24 13.11
O1A NAD F . -16.62 -3.10 14.02
O2A NAD F . -15.44 -2.29 12.00
O5B NAD F . -15.25 -4.75 12.60
C5B NAD F . -15.48 -5.88 13.46
C4B NAD F . -16.30 -6.85 12.61
O4B NAD F . -16.57 -8.00 13.38
C3B NAD F . -17.65 -6.21 12.26
O3B NAD F . -17.78 -6.35 10.85
C2B NAD F . -18.67 -7.02 12.99
O2B NAD F . -19.88 -7.31 12.27
C1B NAD F . -17.95 -8.33 13.19
N9A NAD F . -18.19 -9.08 14.41
C8A NAD F . -18.13 -8.63 15.69
N7A NAD F . -18.27 -9.69 16.47
C5A NAD F . -18.40 -10.84 15.74
C6A NAD F . -18.63 -12.18 16.02
N6A NAD F . -18.49 -12.74 17.24
N1A NAD F . -18.76 -13.02 14.98
C2A NAD F . -18.68 -12.61 13.66
N3A NAD F . -18.46 -11.29 13.40
C4A NAD F . -18.34 -10.44 14.41
O3 NAD F . -14.19 -2.92 14.10
PN NAD F . -12.67 -2.59 13.73
O1N NAD F . -12.41 -1.16 13.90
O2N NAD F . -12.40 -3.26 12.39
O5D NAD F . -11.88 -3.53 14.79
C5D NAD F . -11.46 -4.88 14.52
C4D NAD F . -10.58 -5.44 15.68
O4D NAD F . -9.59 -4.51 16.09
C3D NAD F . -11.29 -5.80 17.01
O3D NAD F . -10.49 -6.86 17.57
C2D NAD F . -11.11 -4.52 17.82
O2D NAD F . -11.38 -4.64 19.19
C1D NAD F . -9.69 -4.18 17.50
N1N NAD F . -9.24 -2.77 17.68
C2N NAD F . -9.66 -1.79 16.82
C3N NAD F . -9.17 -0.49 16.95
C7N NAD F . -9.63 0.60 16.06
O7N NAD F . -9.18 1.82 16.30
N7N NAD F . -10.48 0.57 15.07
C4N NAD F . -8.29 -0.15 18.01
C5N NAD F . -7.92 -1.15 18.89
C6N NAD F . -8.38 -2.44 18.72
#